data_4ZWN
#
_entry.id   4ZWN
#
_cell.length_a   77.196
_cell.length_b   108.566
_cell.length_c   167.667
_cell.angle_alpha   90.00
_cell.angle_beta   90.00
_cell.angle_gamma   90.00
#
_symmetry.space_group_name_H-M   'P 21 21 21'
#
loop_
_entity.id
_entity.type
_entity.pdbx_description
1 polymer 'Monoglyceride lipase'
2 non-polymer 'NITRATE ION'
3 non-polymer 'SULFATE ION'
4 non-polymer 'SODIUM ION'
5 water water
#
_entity_poly.entity_id   1
_entity_poly.type   'polypeptide(L)'
_entity_poly.pdbx_seq_one_letter_code
;HHHHDYDIPTTENLYFQGAMGSAPYPYKVQTTVPELQYENFDGAKFGYMFWPVQNGTNEVRGRVLLIHGFGEYTKIQFRL
MDHLSLNGYESFTFDQRGAGVTSPGRSKGVTDEYHVFNDLEHFVEKNLSECKAKGIPLFMWGHSMGGGICLNYACQGKHK
NEISGYIGSGPLIILHPHTMYNKPTQIIAPLLAKFSPRVRIDTGLDLKGITSDKAYRAFLGSDPMSVPLYGSFRQIHDFM
QRGAKLYKNENNYIQKNFAKDKPVIIMHGQDDTINDPKGSEKFIRDCPSADKELKLYPGARHSIFSLETDKVFNTVFNDM
KQWLDKHTTTEAKP
;
_entity_poly.pdbx_strand_id   A,B,C,D
#
loop_
_chem_comp.id
_chem_comp.type
_chem_comp.name
_chem_comp.formula
NA non-polymer 'SODIUM ION' 'Na 1'
NO3 non-polymer 'NITRATE ION' 'N O3 -1'
SO4 non-polymer 'SULFATE ION' 'O4 S -2'
#
# COMPACT_ATOMS: atom_id res chain seq x y z
N SER A 22 -10.44 -21.79 -38.67
CA SER A 22 -11.00 -20.72 -37.86
C SER A 22 -10.03 -20.30 -36.76
N ALA A 23 -10.44 -19.33 -35.95
CA ALA A 23 -9.62 -18.86 -34.83
C ALA A 23 -9.72 -19.83 -33.66
N PRO A 24 -8.58 -20.13 -33.03
CA PRO A 24 -8.54 -21.13 -31.95
C PRO A 24 -9.06 -20.61 -30.62
N TYR A 25 -9.51 -21.52 -29.76
CA TYR A 25 -9.91 -21.17 -28.40
C TYR A 25 -8.68 -20.73 -27.61
N PRO A 26 -8.62 -19.45 -27.23
CA PRO A 26 -7.44 -18.84 -26.62
C PRO A 26 -7.01 -19.47 -25.31
N TYR A 27 -7.95 -20.09 -24.60
CA TYR A 27 -7.64 -20.65 -23.29
C TYR A 27 -7.22 -22.12 -23.36
N LYS A 28 -6.17 -22.45 -22.61
CA LYS A 28 -5.69 -23.82 -22.52
C LYS A 28 -6.23 -24.48 -21.26
N VAL A 29 -7.11 -25.47 -21.42
CA VAL A 29 -7.67 -26.18 -20.28
C VAL A 29 -6.57 -26.97 -19.58
N GLN A 30 -6.54 -26.88 -18.25
CA GLN A 30 -5.48 -27.50 -17.47
C GLN A 30 -5.88 -28.85 -16.91
N THR A 31 -7.19 -29.09 -16.78
CA THR A 31 -7.67 -30.37 -16.30
C THR A 31 -8.28 -31.18 -17.42
N THR A 32 -8.83 -32.34 -17.08
CA THR A 32 -9.43 -33.23 -18.07
C THR A 32 -10.85 -32.82 -18.42
N VAL A 33 -11.07 -32.47 -19.66
CA VAL A 33 -12.40 -32.06 -20.13
C VAL A 33 -13.36 -33.24 -20.09
N PRO A 34 -14.49 -33.07 -19.38
CA PRO A 34 -15.53 -34.10 -19.20
C PRO A 34 -16.22 -34.50 -20.49
N GLU A 35 -16.81 -35.69 -20.47
CA GLU A 35 -17.59 -36.22 -21.58
C GLU A 35 -18.81 -35.34 -21.83
N LEU A 36 -19.05 -34.93 -23.07
CA LEU A 36 -20.32 -34.26 -23.36
C LEU A 36 -21.43 -35.34 -23.33
N GLN A 37 -22.33 -35.22 -22.33
CA GLN A 37 -23.34 -36.24 -22.00
C GLN A 37 -24.74 -35.76 -22.39
N TYR A 38 -25.63 -36.70 -22.65
CA TYR A 38 -26.97 -36.37 -23.06
C TYR A 38 -28.06 -36.97 -22.17
N GLU A 39 -29.15 -36.23 -22.02
CA GLU A 39 -30.28 -36.67 -21.22
C GLU A 39 -31.57 -36.09 -21.75
N ASN A 40 -32.59 -36.94 -21.90
CA ASN A 40 -33.89 -36.52 -22.41
C ASN A 40 -34.82 -36.03 -21.30
N PHE A 41 -35.51 -34.94 -21.57
CA PHE A 41 -36.50 -34.40 -20.64
C PHE A 41 -37.48 -33.48 -21.37
N ASP A 42 -38.77 -33.78 -21.22
CA ASP A 42 -39.86 -32.96 -21.76
C ASP A 42 -39.64 -32.61 -23.24
N GLY A 43 -39.32 -33.63 -24.03
CA GLY A 43 -39.24 -33.47 -25.47
C GLY A 43 -37.99 -32.79 -25.98
N ALA A 44 -36.91 -32.88 -25.21
CA ALA A 44 -35.63 -32.31 -25.64
C ALA A 44 -34.46 -33.15 -25.16
N LYS A 45 -33.43 -33.25 -26.01
CA LYS A 45 -32.22 -33.98 -25.66
C LYS A 45 -31.16 -33.02 -25.17
N PHE A 46 -31.06 -32.88 -23.85
CA PHE A 46 -30.15 -31.93 -23.24
C PHE A 46 -28.71 -32.43 -23.19
N GLY A 47 -27.80 -31.66 -23.80
CA GLY A 47 -26.38 -31.92 -23.64
C GLY A 47 -25.89 -31.29 -22.35
N TYR A 48 -25.13 -32.04 -21.56
CA TYR A 48 -24.65 -31.52 -20.29
C TYR A 48 -23.25 -32.04 -19.94
N MET A 49 -22.64 -31.40 -18.95
CA MET A 49 -21.31 -31.76 -18.50
C MET A 49 -21.22 -31.79 -16.98
N PHE A 50 -20.52 -32.80 -16.47
CA PHE A 50 -20.18 -32.81 -15.06
C PHE A 50 -18.68 -32.70 -14.91
N TRP A 51 -18.22 -31.56 -14.40
CA TRP A 51 -16.80 -31.30 -14.26
C TRP A 51 -16.32 -31.57 -12.85
N PRO A 52 -15.58 -32.68 -12.66
CA PRO A 52 -15.13 -33.12 -11.33
C PRO A 52 -13.94 -32.33 -10.80
N VAL A 53 -13.77 -32.33 -9.48
CA VAL A 53 -12.61 -31.70 -8.87
C VAL A 53 -11.35 -32.47 -9.25
N GLN A 54 -10.36 -31.77 -9.80
CA GLN A 54 -9.11 -32.40 -10.21
C GLN A 54 -7.89 -31.62 -9.73
N ASN A 55 -7.61 -31.72 -8.46
CA ASN A 55 -6.51 -31.01 -7.90
C ASN A 55 -5.63 -31.87 -7.03
N GLY A 56 -5.58 -33.15 -7.28
CA GLY A 56 -4.65 -33.95 -6.54
C GLY A 56 -5.17 -34.39 -5.19
N THR A 57 -5.49 -33.45 -4.31
CA THR A 57 -6.24 -33.83 -3.15
C THR A 57 -7.44 -34.34 -3.84
N ASN A 58 -8.33 -35.02 -3.16
CA ASN A 58 -9.51 -35.43 -3.87
C ASN A 58 -10.65 -34.44 -3.72
N GLU A 59 -10.80 -33.94 -2.50
CA GLU A 59 -12.05 -33.52 -1.92
C GLU A 59 -12.74 -32.34 -2.56
N VAL A 60 -14.05 -32.32 -2.36
CA VAL A 60 -14.96 -31.32 -2.88
C VAL A 60 -15.49 -30.46 -1.79
N ARG A 61 -15.43 -29.16 -1.99
CA ARG A 61 -15.97 -28.17 -1.07
C ARG A 61 -17.42 -27.87 -1.42
N GLY A 62 -17.74 -27.97 -2.71
CA GLY A 62 -19.09 -27.71 -3.19
C GLY A 62 -19.22 -27.86 -4.70
N ARG A 63 -20.47 -27.85 -5.18
CA ARG A 63 -20.73 -27.91 -6.61
C ARG A 63 -21.43 -26.64 -7.09
N VAL A 64 -21.02 -26.13 -8.26
CA VAL A 64 -21.67 -24.95 -8.82
C VAL A 64 -22.42 -25.27 -10.11
N LEU A 65 -23.72 -24.94 -10.12
CA LEU A 65 -24.56 -25.10 -11.30
C LEU A 65 -24.45 -23.86 -12.18
N LEU A 66 -24.00 -24.05 -13.41
CA LEU A 66 -23.79 -22.91 -14.31
C LEU A 66 -24.93 -22.74 -15.30
N ILE A 67 -25.57 -21.58 -15.27
CA ILE A 67 -26.62 -21.24 -16.23
C ILE A 67 -26.06 -20.28 -17.27
N HIS A 68 -25.83 -20.77 -18.49
CA HIS A 68 -25.20 -19.97 -19.53
C HIS A 68 -26.13 -18.88 -20.04
N GLY A 69 -25.55 -17.92 -20.77
CA GLY A 69 -26.32 -16.83 -21.34
C GLY A 69 -26.76 -17.12 -22.77
N PHE A 70 -27.57 -16.21 -23.31
CA PHE A 70 -28.04 -16.32 -24.67
C PHE A 70 -26.86 -16.39 -25.64
N GLY A 71 -26.88 -17.39 -26.52
CA GLY A 71 -25.82 -17.57 -27.50
C GLY A 71 -24.64 -18.38 -27.01
N GLU A 72 -24.63 -18.70 -25.72
CA GLU A 72 -23.53 -19.46 -25.13
C GLU A 72 -23.81 -20.96 -25.09
N TYR A 73 -22.81 -21.72 -24.68
CA TYR A 73 -22.93 -23.17 -24.54
C TYR A 73 -21.76 -23.68 -23.69
N THR A 74 -21.62 -25.01 -23.59
CA THR A 74 -20.66 -25.62 -22.67
C THR A 74 -19.23 -25.08 -22.77
N LYS A 75 -18.69 -24.99 -23.99
CA LYS A 75 -17.30 -24.57 -24.21
C LYS A 75 -17.01 -23.18 -23.63
N ILE A 76 -18.01 -22.31 -23.66
CA ILE A 76 -17.84 -20.95 -23.15
C ILE A 76 -17.52 -20.96 -21.66
N GLN A 77 -18.07 -21.94 -20.94
CA GLN A 77 -17.84 -22.02 -19.50
C GLN A 77 -16.67 -22.94 -19.14
N PHE A 78 -15.90 -23.37 -20.15
CA PHE A 78 -14.73 -24.20 -19.91
C PHE A 78 -13.73 -23.52 -18.98
N ARG A 79 -13.44 -22.26 -19.29
CA ARG A 79 -12.48 -21.47 -18.53
C ARG A 79 -12.85 -21.42 -17.06
N LEU A 80 -14.14 -21.25 -16.77
CA LEU A 80 -14.62 -21.16 -15.40
C LEU A 80 -14.58 -22.51 -14.69
N MET A 81 -15.09 -23.53 -15.37
CA MET A 81 -15.14 -24.88 -14.79
C MET A 81 -13.74 -25.45 -14.55
N ASP A 82 -12.80 -25.10 -15.42
CA ASP A 82 -11.42 -25.55 -15.28
C ASP A 82 -10.80 -24.99 -14.01
N HIS A 83 -10.96 -23.69 -13.78
CA HIS A 83 -10.41 -23.04 -12.59
C HIS A 83 -11.12 -23.52 -11.32
N LEU A 84 -12.43 -23.72 -11.40
CA LEU A 84 -13.18 -24.25 -10.26
C LEU A 84 -12.71 -25.65 -9.90
N SER A 85 -12.43 -26.46 -10.92
CA SER A 85 -11.96 -27.83 -10.71
C SER A 85 -10.63 -27.84 -9.98
N LEU A 86 -9.75 -26.90 -10.33
CA LEU A 86 -8.45 -26.78 -9.71
C LEU A 86 -8.53 -26.32 -8.25
N ASN A 87 -9.63 -25.67 -7.89
CA ASN A 87 -9.76 -25.08 -6.56
C ASN A 87 -10.81 -25.77 -5.70
N GLY A 88 -11.09 -27.04 -6.01
CA GLY A 88 -11.92 -27.87 -5.16
C GLY A 88 -13.42 -27.69 -5.31
N TYR A 89 -13.87 -27.30 -6.50
CA TYR A 89 -15.29 -27.14 -6.75
C TYR A 89 -15.76 -27.87 -8.00
N GLU A 90 -16.79 -28.68 -7.84
CA GLU A 90 -17.44 -29.36 -8.96
C GLU A 90 -18.29 -28.37 -9.74
N SER A 91 -18.43 -28.63 -11.05
CA SER A 91 -19.31 -27.82 -11.88
C SER A 91 -20.32 -28.68 -12.63
N PHE A 92 -21.51 -28.12 -12.84
CA PHE A 92 -22.50 -28.75 -13.69
C PHE A 92 -23.12 -27.69 -14.58
N THR A 93 -23.10 -27.93 -15.88
CA THR A 93 -23.76 -27.03 -16.82
C THR A 93 -24.46 -27.85 -17.89
N PHE A 94 -25.45 -27.23 -18.54
CA PHE A 94 -26.17 -27.89 -19.61
C PHE A 94 -26.57 -26.87 -20.65
N ASP A 95 -26.54 -27.25 -21.92
CA ASP A 95 -27.07 -26.40 -22.97
C ASP A 95 -28.59 -26.35 -22.81
N GLN A 96 -29.12 -25.16 -22.54
CA GLN A 96 -30.54 -25.00 -22.28
C GLN A 96 -31.36 -25.18 -23.55
N ARG A 97 -32.67 -25.41 -23.38
CA ARG A 97 -33.59 -25.53 -24.50
C ARG A 97 -33.54 -24.27 -25.35
N GLY A 98 -33.26 -24.43 -26.63
CA GLY A 98 -33.15 -23.31 -27.54
C GLY A 98 -31.71 -22.95 -27.85
N ALA A 99 -30.78 -23.62 -27.18
CA ALA A 99 -29.36 -23.27 -27.30
C ALA A 99 -28.46 -24.49 -27.41
N GLY A 100 -27.23 -24.26 -27.86
CA GLY A 100 -26.21 -25.29 -27.90
C GLY A 100 -26.58 -26.53 -28.69
N VAL A 101 -26.11 -27.68 -28.23
CA VAL A 101 -26.37 -28.95 -28.91
C VAL A 101 -27.73 -29.53 -28.52
N THR A 102 -28.38 -28.89 -27.55
CA THR A 102 -29.70 -29.32 -27.11
C THR A 102 -30.77 -29.05 -28.18
N SER A 103 -30.67 -27.88 -28.81
CA SER A 103 -31.66 -27.47 -29.80
C SER A 103 -31.02 -26.92 -31.07
N PRO A 104 -30.58 -27.81 -31.97
CA PRO A 104 -30.00 -27.40 -33.25
C PRO A 104 -31.04 -27.19 -34.36
N GLY A 105 -30.68 -26.39 -35.36
CA GLY A 105 -31.53 -26.20 -36.52
C GLY A 105 -32.83 -25.49 -36.24
N ARG A 106 -33.94 -26.20 -36.44
CA ARG A 106 -35.27 -25.66 -36.19
C ARG A 106 -35.41 -25.13 -34.76
N SER A 107 -35.05 -25.97 -33.80
CA SER A 107 -35.32 -25.69 -32.39
C SER A 107 -34.43 -24.61 -31.77
N LYS A 108 -33.46 -24.11 -32.52
CA LYS A 108 -32.57 -23.08 -31.98
C LYS A 108 -33.32 -21.77 -31.70
N GLY A 109 -33.38 -21.41 -30.43
CA GLY A 109 -34.05 -20.18 -30.02
C GLY A 109 -35.50 -20.43 -29.64
N VAL A 110 -35.93 -21.69 -29.73
CA VAL A 110 -37.31 -22.04 -29.45
C VAL A 110 -37.47 -22.48 -27.99
N THR A 111 -37.89 -21.55 -27.15
CA THR A 111 -38.18 -21.84 -25.76
C THR A 111 -39.05 -20.74 -25.18
N ASP A 112 -39.50 -20.92 -23.94
CA ASP A 112 -40.29 -19.90 -23.28
C ASP A 112 -40.11 -19.94 -21.76
N GLU A 113 -40.74 -19.00 -21.07
CA GLU A 113 -40.64 -18.86 -19.63
C GLU A 113 -40.88 -20.18 -18.89
N TYR A 114 -41.93 -20.89 -19.27
CA TYR A 114 -42.27 -22.15 -18.63
C TYR A 114 -41.12 -23.16 -18.74
N HIS A 115 -40.66 -23.42 -19.97
CA HIS A 115 -39.63 -24.41 -20.20
C HIS A 115 -38.30 -24.03 -19.54
N VAL A 116 -37.99 -22.73 -19.55
CA VAL A 116 -36.75 -22.23 -18.98
C VAL A 116 -36.60 -22.69 -17.53
N PHE A 117 -37.64 -22.51 -16.73
CA PHE A 117 -37.57 -22.86 -15.33
C PHE A 117 -37.90 -24.32 -15.06
N ASN A 118 -38.81 -24.89 -15.85
CA ASN A 118 -39.14 -26.30 -15.70
C ASN A 118 -37.94 -27.20 -16.00
N ASP A 119 -37.18 -26.86 -17.05
CA ASP A 119 -35.95 -27.57 -17.35
C ASP A 119 -34.94 -27.37 -16.22
N LEU A 120 -34.89 -26.15 -15.70
CA LEU A 120 -33.96 -25.81 -14.64
C LEU A 120 -34.24 -26.63 -13.38
N GLU A 121 -35.51 -26.73 -13.01
CA GLU A 121 -35.88 -27.50 -11.82
C GLU A 121 -35.45 -28.95 -11.93
N HIS A 122 -35.50 -29.48 -13.15
CA HIS A 122 -35.09 -30.86 -13.40
C HIS A 122 -33.61 -31.09 -13.09
N PHE A 123 -32.77 -30.15 -13.52
CA PHE A 123 -31.32 -30.30 -13.35
C PHE A 123 -30.86 -29.85 -11.98
N VAL A 124 -31.67 -29.02 -11.33
CA VAL A 124 -31.42 -28.66 -9.95
C VAL A 124 -31.60 -29.89 -9.08
N GLU A 125 -32.72 -30.58 -9.26
CA GLU A 125 -33.02 -31.78 -8.48
C GLU A 125 -32.05 -32.92 -8.75
N LYS A 126 -31.54 -32.97 -9.98
CA LYS A 126 -30.55 -33.97 -10.35
C LYS A 126 -29.26 -33.77 -9.56
N ASN A 127 -28.77 -32.53 -9.55
CA ASN A 127 -27.56 -32.19 -8.82
C ASN A 127 -27.77 -32.24 -7.31
N LEU A 128 -28.96 -31.85 -6.89
CA LEU A 128 -29.33 -31.89 -5.47
C LEU A 128 -29.27 -33.33 -4.97
N SER A 129 -29.68 -34.26 -5.82
CA SER A 129 -29.68 -35.68 -5.49
C SER A 129 -28.25 -36.20 -5.39
N GLU A 130 -27.41 -35.77 -6.32
CA GLU A 130 -26.02 -36.22 -6.36
C GLU A 130 -25.18 -35.58 -5.27
N CYS A 131 -25.53 -34.36 -4.88
CA CYS A 131 -24.82 -33.66 -3.82
C CYS A 131 -25.30 -34.10 -2.44
N LYS A 132 -26.50 -34.67 -2.41
CA LYS A 132 -27.10 -35.19 -1.18
C LYS A 132 -26.22 -36.27 -0.56
N ALA A 133 -25.80 -37.20 -1.41
CA ALA A 133 -24.99 -38.33 -0.97
C ALA A 133 -23.61 -37.90 -0.46
N LYS A 134 -23.00 -36.94 -1.17
CA LYS A 134 -21.67 -36.46 -0.82
C LYS A 134 -21.71 -35.45 0.33
N GLY A 135 -22.89 -34.96 0.65
CA GLY A 135 -23.04 -33.94 1.68
C GLY A 135 -22.35 -32.63 1.33
N ILE A 136 -22.46 -32.23 0.06
CA ILE A 136 -21.82 -31.01 -0.40
C ILE A 136 -22.84 -29.97 -0.86
N PRO A 137 -22.54 -28.68 -0.64
CA PRO A 137 -23.47 -27.59 -0.98
C PRO A 137 -23.58 -27.37 -2.49
N LEU A 138 -24.76 -26.96 -2.94
CA LEU A 138 -24.99 -26.66 -4.34
C LEU A 138 -25.22 -25.17 -4.55
N PHE A 139 -24.33 -24.55 -5.32
CA PHE A 139 -24.43 -23.12 -5.62
C PHE A 139 -24.94 -22.91 -7.05
N MET A 140 -25.54 -21.76 -7.29
CA MET A 140 -26.09 -21.44 -8.60
C MET A 140 -25.44 -20.20 -9.21
N TRP A 141 -24.96 -20.34 -10.44
CA TRP A 141 -24.26 -19.27 -11.15
C TRP A 141 -24.91 -19.04 -12.50
N GLY A 142 -24.98 -17.78 -12.92
CA GLY A 142 -25.57 -17.45 -14.20
C GLY A 142 -24.95 -16.21 -14.81
N HIS A 143 -24.78 -16.22 -16.13
CA HIS A 143 -24.26 -15.05 -16.84
C HIS A 143 -25.31 -14.44 -17.75
N SER A 144 -25.41 -13.10 -17.70
CA SER A 144 -26.34 -12.34 -18.55
C SER A 144 -27.72 -12.95 -18.43
N MET A 145 -28.24 -13.50 -19.52
CA MET A 145 -29.53 -14.17 -19.52
C MET A 145 -29.60 -15.22 -18.41
N GLY A 146 -28.51 -15.96 -18.23
CA GLY A 146 -28.42 -16.94 -17.17
C GLY A 146 -28.41 -16.28 -15.80
N GLY A 147 -27.85 -15.09 -15.73
CA GLY A 147 -27.87 -14.30 -14.51
C GLY A 147 -29.28 -13.87 -14.13
N GLY A 148 -30.07 -13.47 -15.12
CA GLY A 148 -31.44 -13.09 -14.89
C GLY A 148 -32.27 -14.27 -14.41
N ILE A 149 -31.98 -15.45 -14.97
CA ILE A 149 -32.64 -16.68 -14.57
C ILE A 149 -32.23 -17.05 -13.14
N CYS A 150 -30.93 -16.92 -12.86
CA CYS A 150 -30.39 -17.24 -11.54
C CYS A 150 -31.00 -16.41 -10.43
N LEU A 151 -31.04 -15.09 -10.61
CA LEU A 151 -31.59 -14.20 -9.59
C LEU A 151 -33.09 -14.41 -9.43
N ASN A 152 -33.77 -14.75 -10.51
CA ASN A 152 -35.20 -15.02 -10.44
C ASN A 152 -35.50 -16.34 -9.75
N TYR A 153 -34.66 -17.35 -9.99
CA TYR A 153 -34.83 -18.64 -9.32
C TYR A 153 -34.78 -18.47 -7.81
N ALA A 154 -33.93 -17.55 -7.35
CA ALA A 154 -33.84 -17.23 -5.93
C ALA A 154 -35.15 -16.68 -5.38
N CYS A 155 -36.02 -16.20 -6.26
CA CYS A 155 -37.31 -15.65 -5.84
C CYS A 155 -38.45 -16.64 -6.06
N GLN A 156 -38.32 -17.50 -7.06
CA GLN A 156 -39.44 -18.32 -7.50
C GLN A 156 -39.13 -19.82 -7.55
N GLY A 157 -37.86 -20.19 -7.38
CA GLY A 157 -37.44 -21.57 -7.49
C GLY A 157 -38.07 -22.50 -6.47
N LYS A 158 -38.38 -23.72 -6.89
CA LYS A 158 -38.96 -24.71 -5.99
C LYS A 158 -38.02 -25.08 -4.88
N HIS A 159 -36.72 -25.03 -5.18
CA HIS A 159 -35.69 -25.37 -4.20
C HIS A 159 -34.81 -24.17 -3.90
N LYS A 160 -35.41 -22.98 -3.92
CA LYS A 160 -34.67 -21.74 -3.68
C LYS A 160 -34.07 -21.67 -2.28
N ASN A 161 -34.71 -22.33 -1.31
CA ASN A 161 -34.21 -22.32 0.06
C ASN A 161 -33.17 -23.41 0.30
N GLU A 162 -32.94 -24.23 -0.71
CA GLU A 162 -31.99 -25.33 -0.60
C GLU A 162 -30.67 -24.99 -1.29
N ILE A 163 -30.69 -24.00 -2.16
CA ILE A 163 -29.48 -23.52 -2.81
C ILE A 163 -28.62 -22.79 -1.79
N SER A 164 -27.34 -23.10 -1.77
CA SER A 164 -26.43 -22.59 -0.74
C SER A 164 -25.99 -21.16 -1.02
N GLY A 165 -26.09 -20.73 -2.27
CA GLY A 165 -25.70 -19.39 -2.64
C GLY A 165 -25.96 -19.07 -4.09
N TYR A 166 -26.13 -17.78 -4.39
CA TYR A 166 -26.42 -17.35 -5.75
C TYR A 166 -25.35 -16.40 -6.26
N ILE A 167 -24.88 -16.64 -7.48
CA ILE A 167 -23.88 -15.80 -8.11
C ILE A 167 -24.37 -15.30 -9.46
N GLY A 168 -24.38 -13.99 -9.63
CA GLY A 168 -24.77 -13.39 -10.90
C GLY A 168 -23.58 -12.78 -11.63
N SER A 169 -23.47 -13.09 -12.92
CA SER A 169 -22.43 -12.52 -13.76
C SER A 169 -23.04 -11.56 -14.78
N GLY A 170 -22.89 -10.27 -14.52
CA GLY A 170 -23.55 -9.23 -15.31
C GLY A 170 -24.95 -9.63 -15.70
N PRO A 171 -25.83 -9.86 -14.71
CA PRO A 171 -27.15 -10.43 -14.97
C PRO A 171 -28.00 -9.55 -15.87
N LEU A 172 -28.77 -10.17 -16.76
CA LEU A 172 -29.67 -9.43 -17.63
C LEU A 172 -30.86 -8.91 -16.85
N ILE A 173 -30.75 -7.67 -16.38
CA ILE A 173 -31.86 -7.01 -15.70
C ILE A 173 -32.40 -5.91 -16.61
N ILE A 174 -31.55 -4.94 -16.94
CA ILE A 174 -31.88 -3.96 -17.97
C ILE A 174 -30.74 -3.81 -18.96
N LEU A 175 -31.09 -3.72 -20.25
CA LEU A 175 -30.09 -3.46 -21.27
C LEU A 175 -29.45 -2.09 -21.08
N HIS A 176 -28.18 -1.99 -21.46
CA HIS A 176 -27.46 -0.72 -21.46
C HIS A 176 -27.91 0.11 -22.65
N PRO A 177 -28.03 1.45 -22.46
CA PRO A 177 -28.49 2.36 -23.51
C PRO A 177 -27.76 2.18 -24.84
N HIS A 178 -26.47 1.87 -24.78
CA HIS A 178 -25.68 1.64 -25.97
C HIS A 178 -26.24 0.50 -26.81
N THR A 179 -26.68 -0.56 -26.14
CA THR A 179 -27.27 -1.70 -26.83
C THR A 179 -28.68 -1.39 -27.35
N MET A 180 -29.47 -0.68 -26.56
CA MET A 180 -30.83 -0.34 -26.96
C MET A 180 -30.85 0.62 -28.16
N TYR A 181 -29.90 1.55 -28.18
CA TYR A 181 -29.78 2.48 -29.30
C TYR A 181 -29.29 1.83 -30.59
N ASN A 182 -28.31 0.94 -30.48
CA ASN A 182 -27.69 0.34 -31.66
C ASN A 182 -28.39 -0.93 -32.14
N LYS A 183 -29.12 -1.59 -31.25
CA LYS A 183 -29.83 -2.79 -31.64
C LYS A 183 -31.31 -2.68 -31.26
N PRO A 184 -32.04 -1.76 -31.91
CA PRO A 184 -33.44 -1.47 -31.59
C PRO A 184 -34.34 -2.68 -31.82
N THR A 185 -33.87 -3.63 -32.63
CA THR A 185 -34.62 -4.85 -32.86
C THR A 185 -34.81 -5.63 -31.56
N GLN A 186 -33.89 -5.44 -30.61
CA GLN A 186 -34.01 -6.08 -29.30
C GLN A 186 -35.17 -5.48 -28.49
N ILE A 187 -35.66 -4.33 -28.93
CA ILE A 187 -36.81 -3.69 -28.29
C ILE A 187 -38.09 -4.07 -29.04
N ILE A 188 -37.98 -4.16 -30.37
CA ILE A 188 -39.13 -4.48 -31.21
C ILE A 188 -39.59 -5.92 -31.02
N ALA A 189 -38.64 -6.85 -30.91
CA ALA A 189 -38.98 -8.27 -30.82
C ALA A 189 -39.87 -8.62 -29.61
N PRO A 190 -39.55 -8.11 -28.40
CA PRO A 190 -40.48 -8.40 -27.30
C PRO A 190 -41.84 -7.72 -27.52
N LEU A 191 -41.83 -6.56 -28.16
CA LEU A 191 -43.05 -5.81 -28.43
C LEU A 191 -43.97 -6.57 -29.38
N LEU A 192 -43.39 -7.36 -30.27
CA LEU A 192 -44.16 -8.10 -31.28
C LEU A 192 -44.29 -9.59 -30.96
N ALA A 193 -43.82 -9.98 -29.79
CA ALA A 193 -43.78 -11.39 -29.40
C ALA A 193 -45.15 -12.06 -29.38
N LYS A 194 -46.08 -11.50 -28.60
CA LYS A 194 -47.44 -12.05 -28.51
C LYS A 194 -48.03 -12.35 -29.90
N PHE A 195 -47.99 -11.36 -30.78
CA PHE A 195 -48.51 -11.47 -32.15
C PHE A 195 -47.74 -12.51 -32.99
N SER A 196 -46.41 -12.41 -32.98
CA SER A 196 -45.54 -13.24 -33.81
C SER A 196 -44.46 -13.93 -32.99
N PRO A 197 -44.83 -14.94 -32.19
CA PRO A 197 -43.91 -15.55 -31.24
C PRO A 197 -42.81 -16.41 -31.87
N ARG A 198 -43.12 -17.11 -32.94
CA ARG A 198 -42.17 -18.07 -33.49
C ARG A 198 -41.22 -17.47 -34.53
N VAL A 199 -41.37 -16.18 -34.80
CA VAL A 199 -40.41 -15.51 -35.67
C VAL A 199 -39.03 -15.52 -35.02
N ARG A 200 -38.06 -16.11 -35.72
CA ARG A 200 -36.72 -16.23 -35.17
C ARG A 200 -35.80 -15.19 -35.82
N ILE A 201 -34.83 -14.71 -35.05
CA ILE A 201 -34.02 -13.59 -35.51
C ILE A 201 -32.57 -13.64 -35.02
N ASP A 202 -31.66 -13.18 -35.85
CA ASP A 202 -30.23 -13.14 -35.56
C ASP A 202 -29.73 -11.71 -35.59
N THR A 203 -29.42 -11.15 -34.43
CA THR A 203 -29.05 -9.75 -34.32
C THR A 203 -27.55 -9.54 -34.43
N GLY A 204 -26.79 -10.63 -34.43
CA GLY A 204 -25.34 -10.54 -34.53
C GLY A 204 -24.66 -10.30 -33.20
N LEU A 205 -23.43 -10.78 -33.07
CA LEU A 205 -22.65 -10.63 -31.85
C LEU A 205 -21.95 -9.28 -31.75
N ASP A 206 -22.13 -8.61 -30.63
CA ASP A 206 -21.40 -7.37 -30.34
C ASP A 206 -20.06 -7.70 -29.71
N LEU A 207 -19.10 -8.08 -30.55
CA LEU A 207 -17.80 -8.58 -30.09
C LEU A 207 -17.07 -7.58 -29.20
N LYS A 208 -17.13 -6.31 -29.56
CA LYS A 208 -16.48 -5.25 -28.79
C LYS A 208 -17.17 -5.04 -27.44
N GLY A 209 -18.48 -5.27 -27.41
CA GLY A 209 -19.23 -5.12 -26.17
C GLY A 209 -19.08 -6.34 -25.27
N ILE A 210 -18.87 -7.50 -25.89
CA ILE A 210 -18.77 -8.74 -25.14
C ILE A 210 -17.46 -8.83 -24.36
N THR A 211 -16.35 -8.51 -25.02
CA THR A 211 -15.04 -8.59 -24.38
C THR A 211 -14.05 -7.55 -24.91
N SER A 212 -13.04 -7.25 -24.11
CA SER A 212 -11.99 -6.32 -24.51
C SER A 212 -10.81 -7.05 -25.12
N ASP A 213 -10.74 -8.36 -24.91
CA ASP A 213 -9.64 -9.18 -25.44
C ASP A 213 -9.92 -9.61 -26.87
N LYS A 214 -9.04 -9.23 -27.78
CA LYS A 214 -9.24 -9.50 -29.20
C LYS A 214 -8.96 -10.97 -29.55
N ALA A 215 -8.25 -11.65 -28.66
CA ALA A 215 -7.99 -13.07 -28.84
C ALA A 215 -9.29 -13.86 -28.75
N TYR A 216 -10.07 -13.60 -27.70
CA TYR A 216 -11.35 -14.27 -27.54
C TYR A 216 -12.38 -13.73 -28.53
N ARG A 217 -12.21 -12.47 -28.94
CA ARG A 217 -13.06 -11.88 -29.96
C ARG A 217 -12.95 -12.67 -31.27
N ALA A 218 -11.72 -12.96 -31.68
CA ALA A 218 -11.47 -13.68 -32.92
C ALA A 218 -12.07 -15.08 -32.88
N PHE A 219 -11.91 -15.74 -31.74
CA PHE A 219 -12.47 -17.07 -31.54
C PHE A 219 -14.00 -17.06 -31.64
N LEU A 220 -14.62 -16.13 -30.93
CA LEU A 220 -16.07 -16.07 -30.86
C LEU A 220 -16.69 -15.78 -32.22
N GLY A 221 -16.08 -14.87 -32.96
CA GLY A 221 -16.57 -14.50 -34.28
C GLY A 221 -16.40 -15.60 -35.32
N SER A 222 -15.50 -16.53 -35.05
CA SER A 222 -15.22 -17.61 -35.99
C SER A 222 -15.82 -18.94 -35.54
N ASP A 223 -16.30 -18.98 -34.30
CA ASP A 223 -16.83 -20.21 -33.73
C ASP A 223 -18.15 -20.61 -34.38
N PRO A 224 -18.18 -21.79 -35.01
CA PRO A 224 -19.38 -22.32 -35.68
C PRO A 224 -20.54 -22.55 -34.72
N MET A 225 -20.24 -22.78 -33.45
CA MET A 225 -21.28 -23.02 -32.45
C MET A 225 -21.84 -21.70 -31.90
N SER A 226 -21.21 -20.59 -32.26
CA SER A 226 -21.65 -19.28 -31.78
C SER A 226 -22.37 -18.50 -32.88
N VAL A 227 -21.93 -18.69 -34.12
CA VAL A 227 -22.52 -18.03 -35.26
C VAL A 227 -23.07 -19.06 -36.24
N PRO A 228 -24.30 -18.86 -36.73
CA PRO A 228 -25.21 -17.76 -36.41
C PRO A 228 -25.99 -18.01 -35.11
N LEU A 229 -26.53 -16.94 -34.55
CA LEU A 229 -27.27 -17.03 -33.30
C LEU A 229 -28.74 -16.66 -33.48
N TYR A 230 -29.61 -17.67 -33.43
CA TYR A 230 -31.04 -17.43 -33.61
C TYR A 230 -31.80 -17.42 -32.29
N GLY A 231 -32.72 -16.47 -32.15
CA GLY A 231 -33.61 -16.43 -31.02
C GLY A 231 -35.02 -16.09 -31.46
N SER A 232 -36.00 -16.77 -30.88
CA SER A 232 -37.40 -16.50 -31.21
C SER A 232 -37.91 -15.29 -30.44
N PHE A 233 -38.93 -14.62 -30.97
CA PHE A 233 -39.52 -13.48 -30.30
C PHE A 233 -40.04 -13.88 -28.91
N ARG A 234 -40.59 -15.08 -28.82
CA ARG A 234 -41.12 -15.58 -27.56
C ARG A 234 -40.00 -15.73 -26.54
N GLN A 235 -38.90 -16.34 -26.96
CA GLN A 235 -37.73 -16.51 -26.12
C GLN A 235 -37.20 -15.16 -25.65
N ILE A 236 -36.98 -14.26 -26.61
CA ILE A 236 -36.41 -12.95 -26.34
C ILE A 236 -37.29 -12.12 -25.39
N HIS A 237 -38.58 -12.09 -25.67
CA HIS A 237 -39.53 -11.37 -24.82
C HIS A 237 -39.46 -11.87 -23.38
N ASP A 238 -39.37 -13.18 -23.23
CA ASP A 238 -39.47 -13.79 -21.91
C ASP A 238 -38.27 -13.49 -21.02
N PHE A 239 -37.06 -13.46 -21.58
CA PHE A 239 -35.94 -13.12 -20.73
C PHE A 239 -35.74 -11.60 -20.63
N MET A 240 -36.32 -10.86 -21.58
CA MET A 240 -36.30 -9.40 -21.48
C MET A 240 -37.23 -8.97 -20.35
N GLN A 241 -38.42 -9.58 -20.32
CA GLN A 241 -39.41 -9.28 -19.28
C GLN A 241 -38.94 -9.78 -17.94
N ARG A 242 -38.27 -10.92 -17.95
CA ARG A 242 -37.70 -11.55 -16.77
C ARG A 242 -36.87 -10.55 -15.97
N GLY A 243 -35.95 -9.87 -16.66
CA GLY A 243 -35.08 -8.90 -16.03
C GLY A 243 -35.79 -7.61 -15.66
N ALA A 244 -36.69 -7.16 -16.54
CA ALA A 244 -37.44 -5.94 -16.30
C ALA A 244 -38.29 -6.04 -15.04
N LYS A 245 -38.79 -7.25 -14.78
CA LYS A 245 -39.60 -7.51 -13.60
C LYS A 245 -38.81 -7.23 -12.33
N LEU A 246 -37.53 -7.60 -12.36
CA LEU A 246 -36.65 -7.37 -11.22
C LEU A 246 -36.32 -5.89 -11.07
N TYR A 247 -36.16 -5.20 -12.19
CA TYR A 247 -35.76 -3.80 -12.18
C TYR A 247 -36.88 -2.89 -11.68
N LYS A 248 -38.10 -3.18 -12.11
CA LYS A 248 -39.25 -2.42 -11.68
C LYS A 248 -39.58 -2.73 -10.23
N ASN A 249 -39.44 -4.01 -9.85
CA ASN A 249 -39.70 -4.47 -8.49
C ASN A 249 -41.06 -4.02 -7.98
N GLU A 250 -42.10 -4.31 -8.75
CA GLU A 250 -43.45 -3.88 -8.42
C GLU A 250 -43.96 -4.56 -7.16
N ASN A 251 -44.48 -3.74 -6.25
CA ASN A 251 -44.99 -4.21 -4.96
C ASN A 251 -43.99 -5.06 -4.18
N ASN A 252 -42.74 -4.61 -4.19
CA ASN A 252 -41.66 -5.26 -3.45
C ASN A 252 -41.57 -6.76 -3.70
N TYR A 253 -41.61 -7.14 -4.97
CA TYR A 253 -41.52 -8.54 -5.35
C TYR A 253 -40.27 -9.20 -4.79
N ILE A 254 -39.15 -8.48 -4.87
CA ILE A 254 -37.87 -9.01 -4.42
C ILE A 254 -37.85 -9.22 -2.91
N GLN A 255 -38.23 -8.18 -2.17
CA GLN A 255 -38.23 -8.24 -0.71
C GLN A 255 -39.12 -9.37 -0.19
N LYS A 256 -40.22 -9.63 -0.87
CA LYS A 256 -41.20 -10.60 -0.39
C LYS A 256 -40.87 -12.04 -0.75
N ASN A 257 -40.23 -12.25 -1.90
CA ASN A 257 -40.07 -13.61 -2.42
C ASN A 257 -38.63 -14.14 -2.42
N PHE A 258 -37.66 -13.25 -2.25
CA PHE A 258 -36.26 -13.68 -2.22
C PHE A 258 -36.03 -14.63 -1.06
N ALA A 259 -35.39 -15.77 -1.36
CA ALA A 259 -35.11 -16.78 -0.33
C ALA A 259 -34.40 -16.17 0.86
N LYS A 260 -35.03 -16.28 2.02
CA LYS A 260 -34.62 -15.56 3.23
C LYS A 260 -33.15 -15.76 3.59
N ASP A 261 -32.41 -14.66 3.60
CA ASP A 261 -31.03 -14.62 4.06
C ASP A 261 -30.08 -15.56 3.31
N LYS A 262 -30.38 -15.81 2.04
CA LYS A 262 -29.44 -16.58 1.21
C LYS A 262 -28.37 -15.66 0.67
N PRO A 263 -27.10 -16.08 0.75
CA PRO A 263 -25.99 -15.25 0.27
C PRO A 263 -26.08 -14.94 -1.23
N VAL A 264 -25.94 -13.66 -1.56
CA VAL A 264 -25.95 -13.21 -2.95
C VAL A 264 -24.69 -12.44 -3.27
N ILE A 265 -24.16 -12.63 -4.47
CA ILE A 265 -23.11 -11.76 -4.93
C ILE A 265 -23.25 -11.57 -6.44
N ILE A 266 -23.20 -10.32 -6.87
CA ILE A 266 -23.25 -10.02 -8.29
C ILE A 266 -21.91 -9.46 -8.75
N MET A 267 -21.38 -10.02 -9.85
CA MET A 267 -20.13 -9.49 -10.40
C MET A 267 -20.42 -8.97 -11.80
N HIS A 268 -19.97 -7.74 -12.07
CA HIS A 268 -20.41 -7.00 -13.23
C HIS A 268 -19.31 -6.07 -13.71
N GLY A 269 -18.95 -6.18 -14.98
CA GLY A 269 -17.95 -5.30 -15.55
C GLY A 269 -18.43 -3.86 -15.56
N GLN A 270 -17.59 -2.95 -15.11
CA GLN A 270 -17.95 -1.54 -15.04
C GLN A 270 -18.20 -0.99 -16.45
N ASP A 271 -17.46 -1.49 -17.43
CA ASP A 271 -17.57 -1.01 -18.79
C ASP A 271 -18.52 -1.84 -19.63
N ASP A 272 -19.36 -2.62 -18.97
CA ASP A 272 -20.37 -3.43 -19.66
C ASP A 272 -21.38 -2.52 -20.36
N THR A 273 -21.39 -2.57 -21.69
CA THR A 273 -22.31 -1.76 -22.47
C THR A 273 -23.39 -2.62 -23.11
N ILE A 274 -23.49 -3.86 -22.66
CA ILE A 274 -24.54 -4.76 -23.10
C ILE A 274 -25.64 -4.80 -22.05
N ASN A 275 -25.30 -5.22 -20.84
CA ASN A 275 -26.23 -5.15 -19.71
C ASN A 275 -25.82 -4.04 -18.75
N ASP A 276 -26.73 -3.11 -18.49
CA ASP A 276 -26.42 -1.95 -17.66
C ASP A 276 -26.12 -2.34 -16.22
N PRO A 277 -24.98 -1.86 -15.69
CA PRO A 277 -24.63 -2.03 -14.28
C PRO A 277 -25.69 -1.47 -13.33
N LYS A 278 -26.51 -0.55 -13.83
CA LYS A 278 -27.61 0.03 -13.06
C LYS A 278 -28.56 -1.05 -12.53
N GLY A 279 -28.75 -2.10 -13.31
CA GLY A 279 -29.63 -3.18 -12.92
C GLY A 279 -29.13 -3.94 -11.70
N SER A 280 -27.84 -4.24 -11.70
CA SER A 280 -27.22 -4.94 -10.58
C SER A 280 -27.17 -4.06 -9.33
N GLU A 281 -26.91 -2.77 -9.51
CA GLU A 281 -26.85 -1.85 -8.38
C GLU A 281 -28.19 -1.77 -7.66
N LYS A 282 -29.27 -1.68 -8.42
CA LYS A 282 -30.60 -1.57 -7.84
C LYS A 282 -31.07 -2.90 -7.24
N PHE A 283 -30.68 -4.01 -7.86
CA PHE A 283 -31.08 -5.32 -7.35
C PHE A 283 -30.51 -5.57 -5.96
N ILE A 284 -29.23 -5.27 -5.77
CA ILE A 284 -28.58 -5.44 -4.47
C ILE A 284 -29.24 -4.55 -3.41
N ARG A 285 -29.58 -3.33 -3.81
CA ARG A 285 -30.32 -2.42 -2.94
C ARG A 285 -31.66 -3.01 -2.49
N ASP A 286 -32.39 -3.59 -3.43
CA ASP A 286 -33.73 -4.12 -3.14
C ASP A 286 -33.69 -5.48 -2.44
N CYS A 287 -32.59 -6.20 -2.59
CA CYS A 287 -32.48 -7.55 -2.02
C CYS A 287 -32.52 -7.51 -0.49
N PRO A 288 -33.41 -8.32 0.11
CA PRO A 288 -33.64 -8.34 1.55
C PRO A 288 -32.61 -9.15 2.34
N SER A 289 -31.81 -9.95 1.64
CA SER A 289 -30.83 -10.81 2.28
C SER A 289 -29.78 -10.05 3.06
N ALA A 290 -29.34 -10.64 4.17
CA ALA A 290 -28.32 -10.01 5.01
C ALA A 290 -26.93 -10.15 4.39
N ASP A 291 -26.70 -11.25 3.70
CA ASP A 291 -25.43 -11.51 3.03
C ASP A 291 -25.57 -11.22 1.53
N LYS A 292 -25.38 -9.96 1.16
CA LYS A 292 -25.48 -9.56 -0.24
C LYS A 292 -24.35 -8.61 -0.61
N GLU A 293 -23.90 -8.66 -1.87
CA GLU A 293 -22.79 -7.82 -2.30
C GLU A 293 -22.75 -7.64 -3.82
N LEU A 294 -22.40 -6.42 -4.24
CA LEU A 294 -22.13 -6.16 -5.66
C LEU A 294 -20.66 -5.79 -5.85
N LYS A 295 -20.01 -6.45 -6.80
CA LYS A 295 -18.65 -6.10 -7.18
C LYS A 295 -18.61 -5.59 -8.62
N LEU A 296 -18.09 -4.38 -8.79
CA LEU A 296 -17.91 -3.79 -10.11
C LEU A 296 -16.44 -3.83 -10.47
N TYR A 297 -16.15 -4.18 -11.72
CA TYR A 297 -14.75 -4.34 -12.13
C TYR A 297 -14.34 -3.34 -13.21
N PRO A 298 -13.43 -2.47 -12.86
CA PRO A 298 -12.94 -1.45 -13.78
C PRO A 298 -12.18 -2.03 -14.93
N GLY A 299 -12.45 -1.55 -16.12
CA GLY A 299 -11.81 -2.04 -17.31
C GLY A 299 -12.43 -3.29 -17.85
N ALA A 300 -13.42 -3.82 -17.17
CA ALA A 300 -14.01 -5.04 -17.63
C ALA A 300 -15.30 -4.78 -18.36
N ARG A 301 -15.71 -5.74 -19.15
CA ARG A 301 -16.81 -5.59 -20.04
C ARG A 301 -17.80 -6.67 -19.74
N HIS A 302 -18.57 -7.09 -20.71
CA HIS A 302 -19.58 -8.11 -20.47
C HIS A 302 -19.29 -9.53 -19.99
N SER A 303 -18.55 -10.30 -20.78
CA SER A 303 -18.29 -11.71 -20.47
C SER A 303 -17.04 -11.83 -19.60
N ILE A 304 -17.16 -11.45 -18.33
CA ILE A 304 -16.00 -11.39 -17.44
C ILE A 304 -15.52 -12.75 -16.95
N PHE A 305 -16.40 -13.75 -16.99
CA PHE A 305 -16.08 -15.08 -16.49
C PHE A 305 -15.65 -16.04 -17.58
N SER A 306 -15.64 -15.59 -18.83
CA SER A 306 -15.43 -16.52 -19.94
C SER A 306 -14.53 -15.98 -21.04
N LEU A 307 -14.78 -14.76 -21.50
CA LEU A 307 -14.14 -14.27 -22.70
C LEU A 307 -13.26 -13.04 -22.51
N GLU A 308 -13.10 -12.59 -21.27
CA GLU A 308 -12.29 -11.42 -20.99
C GLU A 308 -10.80 -11.74 -20.87
N THR A 309 -10.00 -10.72 -20.62
CA THR A 309 -8.55 -10.87 -20.50
C THR A 309 -8.19 -11.68 -19.27
N ASP A 310 -6.97 -12.22 -19.27
CA ASP A 310 -6.47 -12.99 -18.13
C ASP A 310 -6.46 -12.15 -16.87
N LYS A 311 -6.14 -10.86 -17.02
CA LYS A 311 -6.11 -9.95 -15.89
C LYS A 311 -7.50 -9.82 -15.27
N VAL A 312 -8.49 -9.58 -16.13
CA VAL A 312 -9.87 -9.46 -15.66
C VAL A 312 -10.39 -10.76 -15.07
N PHE A 313 -10.19 -11.86 -15.77
CA PHE A 313 -10.71 -13.16 -15.32
C PHE A 313 -10.14 -13.56 -13.97
N ASN A 314 -8.84 -13.39 -13.79
CA ASN A 314 -8.20 -13.74 -12.54
C ASN A 314 -8.77 -12.97 -11.36
N THR A 315 -8.92 -11.66 -11.53
CA THR A 315 -9.50 -10.80 -10.50
C THR A 315 -10.94 -11.22 -10.20
N VAL A 316 -11.69 -11.47 -11.26
CA VAL A 316 -13.10 -11.83 -11.13
C VAL A 316 -13.29 -13.21 -10.51
N PHE A 317 -12.53 -14.20 -10.99
CA PHE A 317 -12.65 -15.55 -10.49
C PHE A 317 -12.17 -15.69 -9.05
N ASN A 318 -11.10 -14.98 -8.70
CA ASN A 318 -10.58 -15.04 -7.34
C ASN A 318 -11.60 -14.54 -6.32
N ASP A 319 -12.37 -13.52 -6.70
CA ASP A 319 -13.40 -13.01 -5.81
C ASP A 319 -14.49 -14.06 -5.62
N MET A 320 -14.83 -14.75 -6.70
CA MET A 320 -15.83 -15.81 -6.63
C MET A 320 -15.32 -17.00 -5.82
N LYS A 321 -14.07 -17.36 -6.05
CA LYS A 321 -13.43 -18.47 -5.34
C LYS A 321 -13.40 -18.18 -3.83
N GLN A 322 -12.96 -16.99 -3.46
CA GLN A 322 -12.90 -16.61 -2.05
C GLN A 322 -14.29 -16.54 -1.44
N TRP A 323 -15.25 -16.10 -2.24
CA TRP A 323 -16.63 -16.01 -1.79
C TRP A 323 -17.20 -17.40 -1.51
N LEU A 324 -16.88 -18.35 -2.39
CA LEU A 324 -17.31 -19.73 -2.22
C LEU A 324 -16.69 -20.37 -0.98
N ASP A 325 -15.38 -20.16 -0.81
CA ASP A 325 -14.67 -20.67 0.35
C ASP A 325 -15.31 -20.18 1.63
N LYS A 326 -15.65 -18.89 1.65
CA LYS A 326 -16.26 -18.27 2.82
C LYS A 326 -17.58 -18.97 3.19
N HIS A 327 -18.29 -19.47 2.19
CA HIS A 327 -19.60 -20.07 2.43
C HIS A 327 -19.52 -21.60 2.38
N THR A 328 -18.29 -22.08 2.46
CA THR A 328 -18.03 -23.51 2.71
C THR A 328 -16.98 -23.74 3.80
N THR A 329 -16.71 -22.69 4.57
CA THR A 329 -15.73 -22.75 5.65
C THR A 329 -16.30 -23.48 6.86
N THR A 330 -15.62 -24.55 7.28
CA THR A 330 -16.06 -25.34 8.41
C THR A 330 -14.94 -25.47 9.44
N GLU A 331 -14.04 -26.42 9.22
CA GLU A 331 -12.92 -26.66 10.12
C GLU A 331 -12.36 -28.07 9.95
N SER B 22 -9.20 33.78 14.80
CA SER B 22 -10.05 32.59 14.64
C SER B 22 -10.19 32.17 13.17
N ALA B 23 -9.93 30.90 12.86
CA ALA B 23 -10.08 30.41 11.49
C ALA B 23 -11.42 29.69 11.33
N PRO B 24 -12.04 29.83 10.14
CA PRO B 24 -13.38 29.26 9.90
C PRO B 24 -13.39 27.75 9.64
N TYR B 25 -14.55 27.13 9.87
CA TYR B 25 -14.75 25.73 9.56
C TYR B 25 -14.75 25.53 8.03
N PRO B 26 -13.78 24.76 7.52
CA PRO B 26 -13.50 24.61 6.09
C PRO B 26 -14.64 24.00 5.28
N TYR B 27 -15.48 23.20 5.91
CA TYR B 27 -16.54 22.49 5.18
C TYR B 27 -17.84 23.27 5.15
N LYS B 28 -18.47 23.30 3.98
CA LYS B 28 -19.77 23.94 3.82
C LYS B 28 -20.88 22.90 3.78
N VAL B 29 -21.78 22.96 4.75
CA VAL B 29 -22.89 22.02 4.83
C VAL B 29 -23.85 22.20 3.64
N GLN B 30 -24.26 21.09 3.05
CA GLN B 30 -25.12 21.13 1.87
C GLN B 30 -26.59 20.99 2.24
N THR B 31 -26.85 20.41 3.42
CA THR B 31 -28.21 20.29 3.91
C THR B 31 -28.45 21.27 5.06
N THR B 32 -29.54 21.09 5.77
CA THR B 32 -29.89 21.99 6.87
C THR B 32 -29.32 21.51 8.20
N VAL B 33 -28.57 22.38 8.87
CA VAL B 33 -27.98 22.06 10.17
C VAL B 33 -29.06 22.02 11.24
N PRO B 34 -29.17 20.87 11.94
CA PRO B 34 -30.22 20.66 12.94
C PRO B 34 -30.04 21.56 14.17
N GLU B 35 -31.15 21.81 14.87
CA GLU B 35 -31.11 22.55 16.12
C GLU B 35 -30.37 21.73 17.18
N LEU B 36 -29.50 22.40 17.93
CA LEU B 36 -28.83 21.76 19.06
C LEU B 36 -29.81 21.64 20.20
N GLN B 37 -30.28 20.42 20.46
CA GLN B 37 -31.27 20.18 21.51
C GLN B 37 -30.59 19.72 22.80
N TYR B 38 -31.34 19.76 23.90
CA TYR B 38 -30.83 19.38 25.20
C TYR B 38 -31.77 18.40 25.90
N GLU B 39 -31.20 17.46 26.65
CA GLU B 39 -31.99 16.48 27.39
C GLU B 39 -31.26 16.06 28.66
N ASN B 40 -32.00 16.00 29.76
CA ASN B 40 -31.43 15.65 31.05
C ASN B 40 -31.44 14.15 31.32
N PHE B 41 -30.35 13.65 31.85
CA PHE B 41 -30.24 12.25 32.24
C PHE B 41 -29.11 12.04 33.23
N ASP B 42 -29.45 11.49 34.39
CA ASP B 42 -28.47 11.13 35.41
C ASP B 42 -27.54 12.28 35.76
N GLY B 43 -28.12 13.45 36.00
CA GLY B 43 -27.38 14.59 36.51
C GLY B 43 -26.59 15.38 35.50
N ALA B 44 -26.94 15.27 34.23
CA ALA B 44 -26.28 16.03 33.19
C ALA B 44 -27.25 16.48 32.10
N LYS B 45 -27.05 17.69 31.60
CA LYS B 45 -27.85 18.20 30.50
C LYS B 45 -27.10 17.95 29.19
N PHE B 46 -27.48 16.87 28.50
CA PHE B 46 -26.81 16.46 27.27
C PHE B 46 -27.27 17.26 26.06
N GLY B 47 -26.32 17.85 25.35
CA GLY B 47 -26.61 18.47 24.07
C GLY B 47 -26.55 17.41 22.98
N TYR B 48 -27.51 17.45 22.05
CA TYR B 48 -27.56 16.44 21.00
C TYR B 48 -28.20 16.96 19.72
N MET B 49 -27.96 16.23 18.63
CA MET B 49 -28.52 16.59 17.34
C MET B 49 -29.19 15.40 16.65
N PHE B 50 -30.30 15.65 15.99
CA PHE B 50 -30.89 14.66 15.10
C PHE B 50 -30.84 15.20 13.68
N TRP B 51 -30.06 14.53 12.83
CA TRP B 51 -29.89 14.97 11.46
C TRP B 51 -30.78 14.14 10.52
N PRO B 52 -31.87 14.75 10.03
CA PRO B 52 -32.83 14.02 9.19
C PRO B 52 -32.33 13.82 7.76
N VAL B 53 -32.88 12.83 7.08
CA VAL B 53 -32.55 12.59 5.68
C VAL B 53 -33.02 13.76 4.82
N GLN B 54 -32.13 14.30 3.98
CA GLN B 54 -32.48 15.40 3.08
C GLN B 54 -31.93 15.19 1.67
N ASN B 55 -32.41 14.13 1.02
CA ASN B 55 -32.29 13.97 -0.43
C ASN B 55 -33.68 14.18 -1.05
N GLY B 56 -34.40 15.16 -0.51
CA GLY B 56 -35.79 15.41 -0.89
C GLY B 56 -36.73 14.84 0.15
N THR B 57 -38.04 14.85 -0.15
CA THR B 57 -39.00 14.14 0.67
C THR B 57 -38.86 12.66 0.38
N ASN B 58 -37.64 12.16 0.52
CA ASN B 58 -37.27 10.85 0.02
C ASN B 58 -37.02 9.87 1.16
N GLU B 59 -36.51 8.71 0.80
CA GLU B 59 -36.59 7.55 1.67
C GLU B 59 -35.43 7.42 2.65
N VAL B 60 -35.69 6.71 3.74
CA VAL B 60 -34.70 6.47 4.78
C VAL B 60 -34.34 4.99 4.88
N ARG B 61 -33.06 4.68 4.70
CA ARG B 61 -32.55 3.30 4.76
C ARG B 61 -32.13 2.91 6.18
N GLY B 62 -31.80 3.91 7.00
CA GLY B 62 -31.40 3.65 8.36
C GLY B 62 -30.84 4.86 9.09
N ARG B 63 -30.63 4.72 10.40
CA ARG B 63 -30.07 5.78 11.20
C ARG B 63 -28.73 5.34 11.81
N VAL B 64 -27.78 6.27 11.88
CA VAL B 64 -26.50 5.97 12.50
C VAL B 64 -26.29 6.80 13.77
N LEU B 65 -26.01 6.11 14.88
CA LEU B 65 -25.67 6.76 16.13
C LEU B 65 -24.17 7.05 16.13
N LEU B 66 -23.80 8.32 16.24
CA LEU B 66 -22.39 8.70 16.18
C LEU B 66 -21.82 8.94 17.58
N ILE B 67 -20.79 8.17 17.92
CA ILE B 67 -20.08 8.37 19.18
C ILE B 67 -18.75 9.08 18.90
N HIS B 68 -18.64 10.31 19.37
CA HIS B 68 -17.47 11.13 19.07
C HIS B 68 -16.26 10.70 19.89
N GLY B 69 -15.08 11.19 19.50
CA GLY B 69 -13.85 10.87 20.20
C GLY B 69 -13.48 11.91 21.23
N PHE B 70 -12.42 11.63 22.00
CA PHE B 70 -11.95 12.56 23.02
C PHE B 70 -11.61 13.90 22.40
N GLY B 71 -12.18 14.97 22.96
CA GLY B 71 -11.93 16.31 22.48
C GLY B 71 -12.86 16.78 21.37
N GLU B 72 -13.70 15.88 20.89
CA GLU B 72 -14.63 16.23 19.81
C GLU B 72 -15.98 16.68 20.36
N TYR B 73 -16.85 17.13 19.46
CA TYR B 73 -18.20 17.52 19.80
C TYR B 73 -19.01 17.54 18.50
N THR B 74 -20.26 18.01 18.56
CA THR B 74 -21.19 17.92 17.43
C THR B 74 -20.63 18.41 16.09
N LYS B 75 -20.01 19.58 16.10
CA LYS B 75 -19.56 20.22 14.87
C LYS B 75 -18.55 19.39 14.09
N ILE B 76 -17.71 18.65 14.80
CA ILE B 76 -16.70 17.82 14.17
C ILE B 76 -17.35 16.76 13.27
N GLN B 77 -18.55 16.32 13.64
CA GLN B 77 -19.24 15.28 12.87
C GLN B 77 -20.24 15.83 11.85
N PHE B 78 -20.27 17.16 11.66
CA PHE B 78 -21.16 17.77 10.67
C PHE B 78 -20.93 17.18 9.29
N ARG B 79 -19.66 17.12 8.90
CA ARG B 79 -19.27 16.66 7.57
C ARG B 79 -19.80 15.26 7.26
N LEU B 80 -19.74 14.38 8.26
CA LEU B 80 -20.23 13.01 8.11
C LEU B 80 -21.75 12.97 8.05
N MET B 81 -22.39 13.69 8.97
CA MET B 81 -23.84 13.71 9.06
C MET B 81 -24.48 14.39 7.85
N ASP B 82 -23.77 15.37 7.28
CA ASP B 82 -24.26 16.04 6.10
C ASP B 82 -24.27 15.07 4.91
N HIS B 83 -23.17 14.38 4.69
CA HIS B 83 -23.08 13.41 3.61
C HIS B 83 -24.04 12.24 3.79
N LEU B 84 -24.21 11.79 5.03
CA LEU B 84 -25.15 10.71 5.32
C LEU B 84 -26.59 11.10 4.98
N SER B 85 -26.93 12.36 5.28
CA SER B 85 -28.26 12.89 4.99
C SER B 85 -28.58 12.88 3.50
N LEU B 86 -27.59 13.24 2.68
CA LEU B 86 -27.77 13.28 1.24
C LEU B 86 -27.97 11.90 0.62
N ASN B 87 -27.51 10.87 1.31
CA ASN B 87 -27.56 9.51 0.77
C ASN B 87 -28.53 8.59 1.49
N GLY B 88 -29.53 9.18 2.14
CA GLY B 88 -30.63 8.43 2.70
C GLY B 88 -30.40 7.86 4.09
N TYR B 89 -29.54 8.48 4.87
CA TYR B 89 -29.27 8.01 6.22
C TYR B 89 -29.45 9.09 7.28
N GLU B 90 -30.26 8.80 8.29
CA GLU B 90 -30.42 9.69 9.43
C GLU B 90 -29.23 9.55 10.37
N SER B 91 -28.96 10.60 11.14
CA SER B 91 -27.86 10.56 12.10
C SER B 91 -28.30 11.06 13.46
N PHE B 92 -27.74 10.46 14.51
CA PHE B 92 -27.92 10.97 15.86
C PHE B 92 -26.57 11.02 16.58
N THR B 93 -26.26 12.16 17.16
CA THR B 93 -25.04 12.28 17.97
C THR B 93 -25.30 13.19 19.15
N PHE B 94 -24.54 12.97 20.22
CA PHE B 94 -24.67 13.80 21.41
C PHE B 94 -23.29 14.08 21.97
N ASP B 95 -23.14 15.24 22.60
CA ASP B 95 -21.93 15.54 23.34
C ASP B 95 -21.93 14.68 24.60
N GLN B 96 -20.95 13.81 24.74
CA GLN B 96 -20.87 12.90 25.88
C GLN B 96 -20.54 13.63 27.16
N ARG B 97 -20.78 12.97 28.29
CA ARG B 97 -20.41 13.51 29.60
C ARG B 97 -18.91 13.78 29.67
N GLY B 98 -18.55 15.01 29.99
CA GLY B 98 -17.15 15.41 30.06
C GLY B 98 -16.68 16.15 28.83
N ALA B 99 -17.58 16.28 27.85
CA ALA B 99 -17.22 16.86 26.56
C ALA B 99 -18.29 17.80 26.03
N GLY B 100 -17.91 18.65 25.08
CA GLY B 100 -18.83 19.52 24.38
C GLY B 100 -19.66 20.42 25.26
N VAL B 101 -20.88 20.69 24.84
CA VAL B 101 -21.75 21.61 25.57
C VAL B 101 -22.39 20.93 26.76
N THR B 102 -22.25 19.60 26.81
CA THR B 102 -22.80 18.81 27.90
C THR B 102 -22.10 19.10 29.23
N SER B 103 -20.78 19.30 29.16
CA SER B 103 -19.98 19.49 30.37
C SER B 103 -19.00 20.64 30.25
N PRO B 104 -19.47 21.87 30.48
CA PRO B 104 -18.59 23.04 30.45
C PRO B 104 -18.01 23.35 31.82
N GLY B 105 -16.90 24.10 31.85
CA GLY B 105 -16.30 24.55 33.09
C GLY B 105 -15.82 23.43 33.99
N ARG B 106 -16.39 23.36 35.19
CA ARG B 106 -16.01 22.35 36.17
C ARG B 106 -16.20 20.93 35.64
N SER B 107 -17.31 20.71 34.92
CA SER B 107 -17.70 19.38 34.48
C SER B 107 -16.83 18.83 33.36
N LYS B 108 -16.04 19.68 32.72
CA LYS B 108 -15.25 19.26 31.57
C LYS B 108 -14.25 18.19 31.95
N GLY B 109 -14.33 17.05 31.28
CA GLY B 109 -13.42 15.93 31.51
C GLY B 109 -13.86 15.01 32.64
N VAL B 110 -14.99 15.34 33.28
CA VAL B 110 -15.45 14.57 34.42
C VAL B 110 -16.46 13.49 34.01
N THR B 111 -15.96 12.27 33.86
CA THR B 111 -16.79 11.12 33.54
C THR B 111 -16.01 9.86 33.86
N ASP B 112 -16.67 8.70 33.74
CA ASP B 112 -16.00 7.43 34.03
C ASP B 112 -16.60 6.29 33.22
N GLU B 113 -16.04 5.09 33.40
CA GLU B 113 -16.48 3.90 32.67
C GLU B 113 -17.98 3.64 32.83
N TYR B 114 -18.51 3.81 34.05
CA TYR B 114 -19.93 3.58 34.27
C TYR B 114 -20.79 4.56 33.49
N HIS B 115 -20.49 5.85 33.62
CA HIS B 115 -21.27 6.90 32.97
C HIS B 115 -21.20 6.80 31.45
N VAL B 116 -20.03 6.47 30.91
CA VAL B 116 -19.84 6.37 29.47
C VAL B 116 -20.86 5.41 28.85
N PHE B 117 -21.04 4.25 29.45
CA PHE B 117 -21.96 3.27 28.90
C PHE B 117 -23.39 3.47 29.37
N ASN B 118 -23.58 3.89 30.62
CA ASN B 118 -24.92 4.14 31.11
C ASN B 118 -25.62 5.26 30.35
N ASP B 119 -24.88 6.34 30.08
CA ASP B 119 -25.40 7.41 29.25
C ASP B 119 -25.67 6.91 27.83
N LEU B 120 -24.76 6.11 27.31
CA LEU B 120 -24.90 5.58 25.96
C LEU B 120 -26.14 4.71 25.83
N GLU B 121 -26.39 3.84 26.80
CA GLU B 121 -27.59 3.01 26.81
C GLU B 121 -28.85 3.87 26.70
N HIS B 122 -28.85 4.99 27.42
CA HIS B 122 -30.01 5.89 27.43
C HIS B 122 -30.35 6.37 26.02
N PHE B 123 -29.33 6.80 25.29
CA PHE B 123 -29.54 7.32 23.94
C PHE B 123 -29.69 6.19 22.91
N VAL B 124 -29.10 5.04 23.19
CA VAL B 124 -29.32 3.87 22.36
C VAL B 124 -30.78 3.48 22.41
N GLU B 125 -31.36 3.45 23.61
CA GLU B 125 -32.75 3.09 23.78
C GLU B 125 -33.68 4.11 23.16
N LYS B 126 -33.30 5.39 23.24
CA LYS B 126 -34.08 6.47 22.65
C LYS B 126 -34.18 6.31 21.14
N ASN B 127 -33.03 6.09 20.50
CA ASN B 127 -32.99 5.94 19.05
C ASN B 127 -33.59 4.63 18.59
N LEU B 128 -33.41 3.60 19.39
CA LEU B 128 -33.96 2.28 19.09
C LEU B 128 -35.48 2.38 19.02
N SER B 129 -36.06 3.12 19.96
CA SER B 129 -37.50 3.34 20.01
C SER B 129 -37.99 4.18 18.83
N GLU B 130 -37.26 5.25 18.54
CA GLU B 130 -37.62 6.12 17.43
C GLU B 130 -37.44 5.45 16.07
N CYS B 131 -36.50 4.51 15.98
CA CYS B 131 -36.26 3.78 14.74
C CYS B 131 -37.31 2.68 14.55
N LYS B 132 -37.78 2.11 15.65
CA LYS B 132 -38.81 1.09 15.60
C LYS B 132 -40.11 1.68 15.05
N ALA B 133 -40.41 2.90 15.49
CA ALA B 133 -41.60 3.62 15.04
C ALA B 133 -41.54 3.89 13.54
N LYS B 134 -40.34 4.19 13.03
CA LYS B 134 -40.16 4.43 11.61
C LYS B 134 -39.88 3.13 10.84
N GLY B 135 -39.60 2.06 11.57
CA GLY B 135 -39.29 0.79 10.95
C GLY B 135 -37.97 0.80 10.20
N ILE B 136 -36.97 1.46 10.77
CA ILE B 136 -35.64 1.53 10.17
C ILE B 136 -34.58 0.96 11.11
N PRO B 137 -33.51 0.38 10.54
CA PRO B 137 -32.43 -0.18 11.36
C PRO B 137 -31.56 0.91 11.99
N LEU B 138 -30.92 0.59 13.11
CA LEU B 138 -30.00 1.51 13.78
C LEU B 138 -28.57 0.98 13.78
N PHE B 139 -27.64 1.78 13.27
CA PHE B 139 -26.23 1.42 13.24
C PHE B 139 -25.45 2.24 14.27
N MET B 140 -24.28 1.75 14.67
CA MET B 140 -23.46 2.48 15.64
C MET B 140 -22.06 2.78 15.09
N TRP B 141 -21.69 4.05 15.16
CA TRP B 141 -20.42 4.52 14.63
C TRP B 141 -19.65 5.26 15.71
N GLY B 142 -18.33 5.12 15.68
CA GLY B 142 -17.49 5.78 16.67
C GLY B 142 -16.09 6.05 16.17
N HIS B 143 -15.54 7.20 16.55
CA HIS B 143 -14.19 7.57 16.16
C HIS B 143 -13.26 7.60 17.36
N SER B 144 -12.08 7.01 17.20
CA SER B 144 -11.06 6.96 18.25
C SER B 144 -11.66 6.48 19.56
N MET B 145 -11.64 7.34 20.57
CA MET B 145 -12.31 7.06 21.86
C MET B 145 -13.71 6.51 21.66
N GLY B 146 -14.44 7.12 20.73
CA GLY B 146 -15.78 6.66 20.40
C GLY B 146 -15.74 5.31 19.71
N GLY B 147 -14.66 5.06 18.98
CA GLY B 147 -14.47 3.78 18.31
C GLY B 147 -14.27 2.66 19.31
N GLY B 148 -13.51 2.97 20.37
CA GLY B 148 -13.30 2.02 21.44
C GLY B 148 -14.59 1.71 22.17
N ILE B 149 -15.40 2.75 22.39
CA ILE B 149 -16.69 2.61 23.02
C ILE B 149 -17.63 1.76 22.17
N CYS B 150 -17.61 2.04 20.86
CA CYS B 150 -18.49 1.36 19.93
C CYS B 150 -18.22 -0.15 19.90
N LEU B 151 -16.95 -0.51 19.71
CA LEU B 151 -16.56 -1.91 19.63
C LEU B 151 -16.80 -2.64 20.95
N ASN B 152 -16.61 -1.93 22.06
CA ASN B 152 -16.89 -2.54 23.37
C ASN B 152 -18.38 -2.74 23.59
N TYR B 153 -19.20 -1.79 23.11
CA TYR B 153 -20.64 -1.94 23.21
C TYR B 153 -21.10 -3.19 22.45
N ALA B 154 -20.38 -3.55 21.40
CA ALA B 154 -20.71 -4.75 20.62
C ALA B 154 -20.49 -6.01 21.45
N CYS B 155 -19.70 -5.88 22.51
CA CYS B 155 -19.40 -7.00 23.40
C CYS B 155 -20.20 -6.95 24.71
N GLN B 156 -20.48 -5.75 25.21
CA GLN B 156 -21.06 -5.60 26.55
C GLN B 156 -22.41 -4.87 26.59
N GLY B 157 -22.83 -4.32 25.46
CA GLY B 157 -24.01 -3.48 25.42
C GLY B 157 -25.30 -4.22 25.72
N LYS B 158 -26.21 -3.55 26.43
CA LYS B 158 -27.51 -4.13 26.74
C LYS B 158 -28.29 -4.50 25.48
N HIS B 159 -28.15 -3.68 24.46
CA HIS B 159 -28.88 -3.91 23.22
C HIS B 159 -27.94 -4.19 22.06
N LYS B 160 -26.86 -4.91 22.35
CA LYS B 160 -25.85 -5.21 21.34
C LYS B 160 -26.40 -6.08 20.22
N ASN B 161 -27.39 -6.91 20.53
CA ASN B 161 -27.99 -7.77 19.51
C ASN B 161 -29.10 -7.08 18.73
N GLU B 162 -29.39 -5.84 19.08
CA GLU B 162 -30.44 -5.08 18.41
C GLU B 162 -29.85 -4.05 17.45
N ILE B 163 -28.57 -3.74 17.64
CA ILE B 163 -27.85 -2.88 16.72
C ILE B 163 -27.61 -3.63 15.41
N SER B 164 -27.90 -2.98 14.29
CA SER B 164 -27.81 -3.64 12.99
C SER B 164 -26.39 -3.78 12.47
N GLY B 165 -25.47 -2.98 13.01
CA GLY B 165 -24.10 -3.01 12.53
C GLY B 165 -23.20 -2.04 13.26
N TYR B 166 -21.90 -2.36 13.30
CA TYR B 166 -20.93 -1.56 14.02
C TYR B 166 -19.84 -1.02 13.09
N ILE B 167 -19.59 0.28 13.19
CA ILE B 167 -18.54 0.92 12.41
C ILE B 167 -17.54 1.62 13.32
N GLY B 168 -16.27 1.24 13.19
CA GLY B 168 -15.20 1.87 13.94
C GLY B 168 -14.35 2.77 13.08
N SER B 169 -14.12 4.00 13.53
CA SER B 169 -13.26 4.95 12.83
C SER B 169 -11.97 5.14 13.60
N GLY B 170 -10.89 4.51 13.12
CA GLY B 170 -9.61 4.51 13.81
C GLY B 170 -9.76 4.36 15.30
N PRO B 171 -10.44 3.29 15.75
CA PRO B 171 -10.85 3.15 17.15
C PRO B 171 -9.66 3.13 18.09
N LEU B 172 -9.83 3.69 19.28
CA LEU B 172 -8.79 3.65 20.29
C LEU B 172 -8.71 2.27 20.92
N ILE B 173 -7.76 1.48 20.45
CA ILE B 173 -7.48 0.19 21.05
C ILE B 173 -6.11 0.25 21.71
N ILE B 174 -5.08 0.53 20.92
CA ILE B 174 -3.74 0.79 21.45
C ILE B 174 -3.14 2.03 20.81
N LEU B 175 -2.53 2.88 21.64
CA LEU B 175 -1.83 4.05 21.14
C LEU B 175 -0.67 3.63 20.24
N HIS B 176 -0.44 4.41 19.19
CA HIS B 176 0.73 4.24 18.34
C HIS B 176 1.97 4.65 19.14
N PRO B 177 3.08 3.91 18.96
CA PRO B 177 4.34 4.21 19.65
C PRO B 177 4.77 5.67 19.55
N HIS B 178 4.55 6.30 18.40
CA HIS B 178 4.96 7.68 18.19
C HIS B 178 4.31 8.61 19.22
N THR B 179 3.05 8.36 19.53
CA THR B 179 2.33 9.19 20.48
C THR B 179 2.80 8.90 21.91
N MET B 180 3.06 7.64 22.21
CA MET B 180 3.54 7.28 23.54
C MET B 180 4.98 7.77 23.77
N TYR B 181 5.78 7.82 22.70
CA TYR B 181 7.14 8.35 22.76
C TYR B 181 7.12 9.87 22.99
N ASN B 182 6.32 10.57 22.20
CA ASN B 182 6.34 12.02 22.19
C ASN B 182 5.37 12.67 23.19
N LYS B 183 4.34 11.95 23.59
CA LYS B 183 3.40 12.47 24.58
C LYS B 183 3.18 11.49 25.72
N PRO B 184 4.22 11.28 26.55
CA PRO B 184 4.20 10.24 27.58
C PRO B 184 3.25 10.54 28.74
N THR B 185 2.75 11.77 28.82
CA THR B 185 1.81 12.13 29.87
C THR B 185 0.48 11.42 29.67
N GLN B 186 0.23 10.98 28.44
CA GLN B 186 -0.95 10.18 28.13
C GLN B 186 -0.80 8.77 28.70
N ILE B 187 0.41 8.46 29.15
CA ILE B 187 0.68 7.21 29.85
C ILE B 187 0.66 7.46 31.36
N ILE B 188 1.14 8.63 31.76
CA ILE B 188 1.17 9.01 33.18
C ILE B 188 -0.23 9.16 33.77
N ALA B 189 -1.12 9.81 33.02
CA ALA B 189 -2.48 10.07 33.51
C ALA B 189 -3.23 8.80 33.93
N PRO B 190 -3.22 7.74 33.09
CA PRO B 190 -3.90 6.52 33.58
C PRO B 190 -3.21 5.92 34.80
N LEU B 191 -1.89 6.01 34.83
CA LEU B 191 -1.10 5.48 35.94
C LEU B 191 -1.47 6.16 37.26
N LEU B 192 -1.78 7.44 37.21
CA LEU B 192 -2.05 8.22 38.42
C LEU B 192 -3.53 8.32 38.76
N ALA B 193 -4.35 7.65 37.96
CA ALA B 193 -5.80 7.66 38.21
C ALA B 193 -6.11 6.87 39.48
N LYS B 194 -5.21 5.96 39.82
CA LYS B 194 -5.35 5.19 41.05
C LYS B 194 -5.26 6.11 42.27
N PHE B 195 -4.32 7.05 42.23
CA PHE B 195 -4.08 7.92 43.37
C PHE B 195 -4.88 9.22 43.30
N SER B 196 -4.93 9.83 42.11
CA SER B 196 -5.59 11.12 41.93
C SER B 196 -6.51 11.13 40.72
N PRO B 197 -7.68 10.49 40.84
CA PRO B 197 -8.61 10.33 39.71
C PRO B 197 -9.21 11.64 39.22
N ARG B 198 -9.35 12.62 40.11
CA ARG B 198 -10.06 13.84 39.76
C ARG B 198 -9.16 14.93 39.17
N VAL B 199 -7.87 14.65 39.08
CA VAL B 199 -6.93 15.59 38.48
C VAL B 199 -7.20 15.75 36.98
N ARG B 200 -7.32 17.01 36.54
CA ARG B 200 -7.59 17.30 35.14
C ARG B 200 -6.34 17.83 34.44
N ILE B 201 -6.17 17.46 33.18
CA ILE B 201 -4.93 17.75 32.47
C ILE B 201 -5.18 18.16 31.01
N ASP B 202 -4.33 19.03 30.50
CA ASP B 202 -4.36 19.43 29.10
C ASP B 202 -3.08 18.96 28.41
N THR B 203 -3.18 17.89 27.62
CA THR B 203 -2.01 17.28 26.99
C THR B 203 -1.66 17.90 25.63
N GLY B 204 -2.54 18.75 25.12
CA GLY B 204 -2.31 19.39 23.83
C GLY B 204 -2.66 18.52 22.64
N LEU B 205 -3.12 19.16 21.57
CA LEU B 205 -3.52 18.44 20.36
C LEU B 205 -2.35 18.15 19.43
N ASP B 206 -2.30 16.91 18.94
CA ASP B 206 -1.34 16.53 17.92
C ASP B 206 -1.90 16.87 16.54
N LEU B 207 -1.87 18.15 16.18
CA LEU B 207 -2.50 18.66 14.97
C LEU B 207 -2.05 17.96 13.70
N LYS B 208 -0.76 17.66 13.62
CA LYS B 208 -0.21 17.02 12.43
C LYS B 208 -0.61 15.56 12.36
N GLY B 209 -0.71 14.91 13.52
CA GLY B 209 -1.12 13.52 13.57
C GLY B 209 -2.60 13.34 13.32
N ILE B 210 -3.39 14.33 13.73
CA ILE B 210 -4.83 14.29 13.57
C ILE B 210 -5.24 14.33 12.09
N THR B 211 -4.70 15.28 11.34
CA THR B 211 -5.05 15.42 9.94
C THR B 211 -3.89 15.91 9.08
N SER B 212 -3.95 15.64 7.78
CA SER B 212 -2.90 16.09 6.87
C SER B 212 -3.31 17.39 6.19
N ASP B 213 -4.59 17.72 6.25
CA ASP B 213 -5.09 18.93 5.64
C ASP B 213 -4.83 20.14 6.54
N LYS B 214 -4.11 21.13 5.99
CA LYS B 214 -3.75 22.32 6.76
C LYS B 214 -4.96 23.21 7.02
N ALA B 215 -6.00 23.07 6.20
CA ALA B 215 -7.21 23.88 6.36
C ALA B 215 -7.93 23.54 7.66
N TYR B 216 -8.20 22.25 7.86
CA TYR B 216 -8.88 21.79 9.07
C TYR B 216 -7.98 21.95 10.29
N ARG B 217 -6.69 21.79 10.10
CA ARG B 217 -5.72 22.00 11.17
C ARG B 217 -5.84 23.40 11.76
N ALA B 218 -5.84 24.39 10.87
CA ALA B 218 -5.97 25.79 11.26
C ALA B 218 -7.27 26.02 12.00
N PHE B 219 -8.35 25.39 11.55
CA PHE B 219 -9.63 25.50 12.21
C PHE B 219 -9.56 24.88 13.61
N LEU B 220 -9.04 23.66 13.66
CA LEU B 220 -8.95 22.91 14.91
C LEU B 220 -8.13 23.63 15.96
N GLY B 221 -6.97 24.14 15.54
CA GLY B 221 -6.06 24.83 16.45
C GLY B 221 -6.60 26.15 16.98
N SER B 222 -7.57 26.73 16.26
CA SER B 222 -8.14 28.01 16.65
C SER B 222 -9.52 27.87 17.28
N ASP B 223 -10.11 26.67 17.17
CA ASP B 223 -11.45 26.43 17.70
C ASP B 223 -11.43 26.38 19.23
N PRO B 224 -12.17 27.29 19.88
CA PRO B 224 -12.27 27.37 21.34
C PRO B 224 -12.83 26.09 21.96
N MET B 225 -13.69 25.39 21.22
CA MET B 225 -14.31 24.16 21.69
C MET B 225 -13.38 22.95 21.55
N SER B 226 -12.37 23.08 20.69
CA SER B 226 -11.40 22.02 20.48
C SER B 226 -10.10 22.30 21.27
N VAL B 227 -9.80 23.56 21.48
CA VAL B 227 -8.59 23.95 22.20
C VAL B 227 -8.97 25.02 23.21
N PRO B 228 -8.53 24.87 24.48
CA PRO B 228 -7.73 23.76 24.97
C PRO B 228 -8.58 22.55 25.37
N LEU B 229 -7.93 21.40 25.54
CA LEU B 229 -8.62 20.14 25.80
C LEU B 229 -8.31 19.54 27.16
N TYR B 230 -9.31 19.44 28.02
CA TYR B 230 -9.11 18.89 29.35
C TYR B 230 -9.73 17.52 29.50
N GLY B 231 -9.01 16.65 30.20
CA GLY B 231 -9.52 15.35 30.56
C GLY B 231 -9.07 15.02 31.97
N SER B 232 -9.91 14.29 32.71
CA SER B 232 -9.53 13.86 34.05
C SER B 232 -8.76 12.55 33.96
N PHE B 233 -7.95 12.26 34.97
CA PHE B 233 -7.19 11.02 35.01
C PHE B 233 -8.11 9.80 34.95
N ARG B 234 -9.25 9.90 35.63
CA ARG B 234 -10.23 8.81 35.63
C ARG B 234 -10.76 8.56 34.22
N GLN B 235 -11.21 9.63 33.57
CA GLN B 235 -11.73 9.55 32.20
C GLN B 235 -10.70 8.97 31.25
N ILE B 236 -9.50 9.54 31.29
CA ILE B 236 -8.40 9.11 30.43
C ILE B 236 -8.02 7.65 30.71
N HIS B 237 -7.88 7.30 31.99
CA HIS B 237 -7.56 5.93 32.37
C HIS B 237 -8.59 4.96 31.84
N ASP B 238 -9.86 5.33 31.93
CA ASP B 238 -10.93 4.42 31.58
C ASP B 238 -11.02 4.13 30.09
N PHE B 239 -10.78 5.11 29.22
CA PHE B 239 -10.87 4.78 27.79
C PHE B 239 -9.54 4.21 27.30
N MET B 240 -8.47 4.44 28.04
CA MET B 240 -7.20 3.79 27.77
C MET B 240 -7.29 2.31 28.11
N GLN B 241 -7.86 2.02 29.27
CA GLN B 241 -8.05 0.64 29.71
C GLN B 241 -9.07 -0.05 28.83
N ARG B 242 -10.07 0.72 28.40
CA ARG B 242 -11.12 0.23 27.51
C ARG B 242 -10.55 -0.42 26.26
N GLY B 243 -9.63 0.30 25.61
CA GLY B 243 -9.01 -0.18 24.40
C GLY B 243 -8.03 -1.31 24.65
N ALA B 244 -7.21 -1.15 25.69
CA ALA B 244 -6.17 -2.11 26.00
C ALA B 244 -6.75 -3.50 26.29
N LYS B 245 -7.97 -3.52 26.81
CA LYS B 245 -8.65 -4.77 27.12
C LYS B 245 -8.95 -5.57 25.85
N LEU B 246 -9.38 -4.86 24.80
CA LEU B 246 -9.69 -5.51 23.53
C LEU B 246 -8.42 -6.05 22.87
N TYR B 247 -7.33 -5.30 22.97
CA TYR B 247 -6.06 -5.71 22.36
C TYR B 247 -5.52 -6.98 23.01
N LYS B 248 -5.56 -7.02 24.35
CA LYS B 248 -5.09 -8.18 25.11
C LYS B 248 -5.96 -9.39 24.84
N ASN B 249 -7.27 -9.17 24.79
CA ASN B 249 -8.28 -10.21 24.53
C ASN B 249 -8.10 -11.41 25.43
N GLU B 250 -8.03 -11.15 26.73
CA GLU B 250 -7.80 -12.19 27.71
C GLU B 250 -8.96 -13.18 27.75
N ASN B 251 -8.63 -14.47 27.74
CA ASN B 251 -9.62 -15.56 27.74
C ASN B 251 -10.63 -15.46 26.62
N ASN B 252 -10.18 -15.05 25.43
CA ASN B 252 -11.05 -14.87 24.28
C ASN B 252 -12.31 -14.09 24.61
N TYR B 253 -12.15 -12.91 25.19
CA TYR B 253 -13.28 -12.08 25.56
C TYR B 253 -14.10 -11.67 24.35
N ILE B 254 -13.41 -11.31 23.27
CA ILE B 254 -14.09 -10.85 22.05
C ILE B 254 -14.86 -12.00 21.40
N GLN B 255 -14.22 -13.15 21.25
CA GLN B 255 -14.86 -14.30 20.63
C GLN B 255 -16.11 -14.73 21.40
N LYS B 256 -16.06 -14.60 22.72
CA LYS B 256 -17.16 -15.07 23.55
C LYS B 256 -18.31 -14.06 23.66
N ASN B 257 -18.01 -12.78 23.60
CA ASN B 257 -19.04 -11.78 23.92
C ASN B 257 -19.52 -10.90 22.76
N PHE B 258 -18.78 -10.89 21.66
CA PHE B 258 -19.20 -10.10 20.51
C PHE B 258 -20.57 -10.55 20.02
N ALA B 259 -21.46 -9.59 19.79
CA ALA B 259 -22.84 -9.89 19.39
C ALA B 259 -22.89 -10.82 18.19
N LYS B 260 -23.64 -11.91 18.35
CA LYS B 260 -23.67 -13.00 17.38
C LYS B 260 -23.99 -12.56 15.95
N ASP B 261 -23.05 -12.80 15.05
CA ASP B 261 -23.23 -12.60 13.61
C ASP B 261 -23.55 -11.16 13.22
N LYS B 262 -23.15 -10.21 14.04
CA LYS B 262 -23.37 -8.81 13.72
C LYS B 262 -22.25 -8.31 12.81
N PRO B 263 -22.62 -7.61 11.73
CA PRO B 263 -21.62 -7.08 10.81
C PRO B 263 -20.82 -5.94 11.45
N VAL B 264 -19.51 -5.97 11.27
CA VAL B 264 -18.64 -4.92 11.80
C VAL B 264 -17.59 -4.51 10.78
N ILE B 265 -17.33 -3.21 10.66
CA ILE B 265 -16.28 -2.73 9.79
C ILE B 265 -15.46 -1.63 10.48
N ILE B 266 -14.14 -1.68 10.28
CA ILE B 266 -13.25 -0.65 10.81
C ILE B 266 -12.53 0.09 9.70
N MET B 267 -12.60 1.42 9.71
CA MET B 267 -11.79 2.22 8.80
C MET B 267 -10.67 2.89 9.58
N HIS B 268 -9.45 2.75 9.07
CA HIS B 268 -8.27 3.25 9.77
C HIS B 268 -7.28 3.82 8.78
N GLY B 269 -6.88 5.08 9.01
CA GLY B 269 -5.85 5.70 8.20
C GLY B 269 -4.54 4.93 8.32
N GLN B 270 -3.92 4.66 7.19
CA GLN B 270 -2.68 3.88 7.17
C GLN B 270 -1.54 4.67 7.83
N ASP B 271 -1.62 5.99 7.75
CA ASP B 271 -0.57 6.83 8.33
C ASP B 271 -0.95 7.37 9.70
N ASP B 272 -1.93 6.74 10.34
CA ASP B 272 -2.34 7.13 11.68
C ASP B 272 -1.22 6.83 12.67
N THR B 273 -0.67 7.86 13.28
CA THR B 273 0.37 7.68 14.29
C THR B 273 -0.14 8.07 15.67
N ILE B 274 -1.45 8.19 15.79
CA ILE B 274 -2.09 8.43 17.08
C ILE B 274 -2.63 7.12 17.63
N ASN B 275 -3.54 6.49 16.89
CA ASN B 275 -4.02 5.15 17.21
C ASN B 275 -3.45 4.13 16.23
N ASP B 276 -2.80 3.11 16.78
CA ASP B 276 -2.07 2.14 15.97
C ASP B 276 -3.00 1.23 15.17
N PRO B 277 -2.80 1.16 13.85
CA PRO B 277 -3.54 0.24 12.98
C PRO B 277 -3.48 -1.21 13.45
N LYS B 278 -2.44 -1.56 14.21
CA LYS B 278 -2.30 -2.91 14.76
C LYS B 278 -3.50 -3.30 15.62
N GLY B 279 -4.09 -2.32 16.30
CA GLY B 279 -5.25 -2.56 17.14
C GLY B 279 -6.44 -3.02 16.31
N SER B 280 -6.71 -2.29 15.23
CA SER B 280 -7.79 -2.63 14.32
C SER B 280 -7.56 -3.98 13.66
N GLU B 281 -6.30 -4.26 13.30
CA GLU B 281 -5.96 -5.53 12.65
C GLU B 281 -6.24 -6.71 13.56
N LYS B 282 -5.86 -6.60 14.83
CA LYS B 282 -6.02 -7.72 15.75
C LYS B 282 -7.48 -7.90 16.15
N PHE B 283 -8.23 -6.81 16.25
CA PHE B 283 -9.63 -6.89 16.63
C PHE B 283 -10.45 -7.65 15.59
N ILE B 284 -10.21 -7.34 14.33
CA ILE B 284 -10.94 -7.97 13.24
C ILE B 284 -10.58 -9.46 13.16
N ARG B 285 -9.33 -9.74 13.43
CA ARG B 285 -8.79 -11.06 13.55
C ARG B 285 -9.50 -11.87 14.60
N ASP B 286 -9.67 -11.25 15.73
CA ASP B 286 -10.24 -11.88 16.92
C ASP B 286 -11.77 -11.92 16.88
N CYS B 287 -12.36 -11.01 16.10
CA CYS B 287 -13.81 -10.94 15.97
C CYS B 287 -14.37 -12.24 15.37
N PRO B 288 -15.34 -12.85 16.07
CA PRO B 288 -15.94 -14.13 15.65
C PRO B 288 -16.98 -13.98 14.54
N SER B 289 -17.43 -12.76 14.26
CA SER B 289 -18.49 -12.54 13.28
C SER B 289 -18.04 -12.88 11.86
N ALA B 290 -18.96 -13.40 11.06
CA ALA B 290 -18.66 -13.73 9.67
C ALA B 290 -18.54 -12.47 8.81
N ASP B 291 -19.38 -11.48 9.09
CA ASP B 291 -19.35 -10.22 8.36
C ASP B 291 -18.43 -9.22 9.05
N LYS B 292 -17.14 -9.31 8.75
CA LYS B 292 -16.15 -8.44 9.37
C LYS B 292 -15.12 -7.99 8.34
N GLU B 293 -14.67 -6.74 8.45
CA GLU B 293 -13.70 -6.21 7.50
C GLU B 293 -12.93 -5.02 8.06
N LEU B 294 -11.64 -4.97 7.74
CA LEU B 294 -10.81 -3.81 8.02
C LEU B 294 -10.40 -3.13 6.71
N LYS B 295 -10.58 -1.82 6.65
CA LYS B 295 -10.13 -1.05 5.49
C LYS B 295 -9.08 -0.02 5.89
N LEU B 296 -7.87 -0.21 5.37
CA LEU B 296 -6.79 0.75 5.58
C LEU B 296 -6.70 1.73 4.40
N TYR B 297 -6.42 2.98 4.70
CA TYR B 297 -6.39 4.04 3.66
C TYR B 297 -5.03 4.72 3.58
N PRO B 298 -4.35 4.50 2.48
CA PRO B 298 -3.05 5.12 2.26
C PRO B 298 -3.11 6.61 2.23
N GLY B 299 -2.12 7.26 2.80
CA GLY B 299 -2.10 8.70 2.81
C GLY B 299 -3.00 9.33 3.82
N ALA B 300 -3.76 8.53 4.52
CA ALA B 300 -4.71 9.00 5.47
C ALA B 300 -4.12 8.94 6.87
N ARG B 301 -4.41 9.94 7.66
CA ARG B 301 -3.90 10.01 8.99
C ARG B 301 -5.11 9.77 9.91
N HIS B 302 -5.06 10.24 11.15
CA HIS B 302 -6.15 10.03 12.07
C HIS B 302 -7.66 10.15 11.88
N SER B 303 -8.11 11.38 11.59
CA SER B 303 -9.50 11.82 11.68
C SER B 303 -10.07 11.74 10.26
N ILE B 304 -10.15 10.53 9.74
CA ILE B 304 -10.49 10.32 8.34
C ILE B 304 -11.93 10.67 7.97
N PHE B 305 -12.81 10.67 8.96
CA PHE B 305 -14.23 10.93 8.73
C PHE B 305 -14.63 12.38 8.97
N SER B 306 -13.70 13.22 9.38
CA SER B 306 -14.07 14.56 9.80
C SER B 306 -13.09 15.63 9.34
N LEU B 307 -11.82 15.47 9.66
CA LEU B 307 -10.86 16.57 9.49
C LEU B 307 -9.82 16.35 8.40
N GLU B 308 -9.95 15.28 7.64
CA GLU B 308 -8.99 14.98 6.58
C GLU B 308 -9.31 15.67 5.27
N THR B 309 -8.42 15.52 4.28
CA THR B 309 -8.62 16.10 2.96
C THR B 309 -9.87 15.55 2.29
N ASP B 310 -10.41 16.30 1.32
CA ASP B 310 -11.59 15.88 0.58
C ASP B 310 -11.39 14.52 -0.08
N LYS B 311 -10.19 14.30 -0.61
CA LYS B 311 -9.88 13.04 -1.28
C LYS B 311 -10.01 11.87 -0.32
N VAL B 312 -9.41 12.00 0.86
CA VAL B 312 -9.50 10.97 1.89
C VAL B 312 -10.95 10.75 2.33
N PHE B 313 -11.65 11.83 2.69
CA PHE B 313 -13.02 11.74 3.16
C PHE B 313 -13.93 11.06 2.15
N ASN B 314 -13.81 11.45 0.88
CA ASN B 314 -14.65 10.89 -0.18
C ASN B 314 -14.45 9.39 -0.34
N THR B 315 -13.20 8.95 -0.30
CA THR B 315 -12.88 7.53 -0.38
C THR B 315 -13.42 6.81 0.84
N VAL B 316 -13.23 7.41 2.01
CA VAL B 316 -13.62 6.81 3.26
C VAL B 316 -15.14 6.77 3.43
N PHE B 317 -15.81 7.89 3.12
CA PHE B 317 -17.27 7.94 3.26
C PHE B 317 -17.96 7.01 2.26
N ASN B 318 -17.41 6.90 1.05
CA ASN B 318 -18.01 6.03 0.06
C ASN B 318 -18.03 4.58 0.51
N ASP B 319 -16.94 4.15 1.15
CA ASP B 319 -16.87 2.78 1.65
C ASP B 319 -17.92 2.54 2.73
N MET B 320 -18.14 3.53 3.59
CA MET B 320 -19.14 3.41 4.64
C MET B 320 -20.54 3.40 4.06
N LYS B 321 -20.78 4.31 3.10
CA LYS B 321 -22.05 4.41 2.42
C LYS B 321 -22.42 3.09 1.74
N GLN B 322 -21.45 2.52 1.03
CA GLN B 322 -21.65 1.23 0.36
C GLN B 322 -21.88 0.11 1.36
N TRP B 323 -21.18 0.17 2.49
CA TRP B 323 -21.33 -0.82 3.54
C TRP B 323 -22.72 -0.75 4.16
N LEU B 324 -23.20 0.47 4.39
CA LEU B 324 -24.55 0.67 4.92
C LEU B 324 -25.62 0.18 3.94
N ASP B 325 -25.48 0.54 2.67
CA ASP B 325 -26.41 0.08 1.64
C ASP B 325 -26.41 -1.45 1.58
N LYS B 326 -25.21 -2.02 1.67
CA LYS B 326 -25.01 -3.46 1.67
C LYS B 326 -25.77 -4.14 2.82
N HIS B 327 -26.04 -3.39 3.88
CA HIS B 327 -26.72 -3.95 5.05
C HIS B 327 -28.08 -3.33 5.30
N THR B 328 -28.68 -2.77 4.25
CA THR B 328 -30.04 -2.26 4.35
C THR B 328 -30.86 -2.72 3.15
N THR B 329 -32.17 -2.70 3.31
CA THR B 329 -33.07 -3.07 2.24
C THR B 329 -33.93 -1.86 1.92
N THR B 330 -34.15 -1.68 0.63
CA THR B 330 -34.92 -0.59 0.10
C THR B 330 -36.30 -0.52 0.68
N GLU B 331 -36.77 0.63 1.13
CA GLU B 331 -38.07 0.67 1.79
C GLU B 331 -39.16 0.39 0.72
N ALA B 332 -40.33 0.06 1.20
CA ALA B 332 -41.37 -0.48 0.42
C ALA B 332 -42.23 0.56 -0.28
N SER C 22 19.17 -24.92 35.91
CA SER C 22 20.02 -24.29 34.91
C SER C 22 20.02 -25.07 33.60
N ALA C 23 19.17 -24.65 32.66
CA ALA C 23 19.07 -25.30 31.36
C ALA C 23 20.29 -24.99 30.49
N PRO C 24 20.80 -26.01 29.77
CA PRO C 24 22.02 -25.86 28.97
C PRO C 24 21.80 -25.09 27.67
N TYR C 25 22.89 -24.55 27.11
CA TYR C 25 22.86 -23.88 25.82
C TYR C 25 22.55 -24.87 24.70
N PRO C 26 21.39 -24.72 24.04
CA PRO C 26 20.84 -25.68 23.07
C PRO C 26 21.70 -25.91 21.82
N TYR C 27 22.53 -24.94 21.46
CA TYR C 27 23.28 -25.04 20.22
C TYR C 27 24.67 -25.64 20.43
N LYS C 28 25.04 -26.55 19.53
CA LYS C 28 26.37 -27.17 19.57
C LYS C 28 27.28 -26.53 18.53
N VAL C 29 28.35 -25.88 19.01
CA VAL C 29 29.30 -25.22 18.13
C VAL C 29 30.07 -26.23 17.29
N GLN C 30 30.17 -25.98 15.99
CA GLN C 30 30.81 -26.92 15.07
C GLN C 30 32.30 -26.61 14.84
N THR C 31 32.70 -25.39 15.16
CA THR C 31 34.09 -25.00 15.00
C THR C 31 34.74 -24.80 16.36
N THR C 32 35.98 -24.32 16.37
CA THR C 32 36.69 -24.09 17.63
C THR C 32 36.35 -22.72 18.20
N VAL C 33 35.82 -22.70 19.42
CA VAL C 33 35.47 -21.45 20.07
C VAL C 33 36.72 -20.67 20.47
N PRO C 34 36.84 -19.44 19.97
CA PRO C 34 38.02 -18.60 20.22
C PRO C 34 38.18 -18.20 21.67
N GLU C 35 39.40 -17.89 22.07
CA GLU C 35 39.71 -17.44 23.42
C GLU C 35 39.08 -16.07 23.68
N LEU C 36 38.45 -15.93 24.84
CA LEU C 36 37.90 -14.64 25.24
C LEU C 36 39.04 -13.74 25.69
N GLN C 37 39.35 -12.74 24.87
CA GLN C 37 40.44 -11.81 25.17
C GLN C 37 39.95 -10.56 25.88
N TYR C 38 40.88 -9.82 26.46
CA TYR C 38 40.55 -8.58 27.17
C TYR C 38 41.43 -7.43 26.69
N GLU C 39 40.86 -6.23 26.68
CA GLU C 39 41.59 -5.03 26.29
C GLU C 39 41.08 -3.81 27.05
N ASN C 40 42.00 -3.01 27.57
CA ASN C 40 41.64 -1.81 28.32
C ASN C 40 41.48 -0.61 27.41
N PHE C 41 40.42 0.17 27.62
CA PHE C 41 40.20 1.40 26.88
C PHE C 41 39.26 2.33 27.60
N ASP C 42 39.73 3.55 27.85
CA ASP C 42 38.93 4.63 28.43
C ASP C 42 38.22 4.21 29.72
N GLY C 43 38.94 3.51 30.60
CA GLY C 43 38.43 3.20 31.92
C GLY C 43 37.58 1.95 32.03
N ALA C 44 37.76 1.04 31.08
CA ALA C 44 37.02 -0.22 31.09
C ALA C 44 37.83 -1.34 30.48
N LYS C 45 37.72 -2.53 31.07
CA LYS C 45 38.38 -3.71 30.53
C LYS C 45 37.41 -4.52 29.67
N PHE C 46 37.48 -4.30 28.35
CA PHE C 46 36.57 -4.93 27.41
C PHE C 46 36.94 -6.38 27.08
N GLY C 47 35.99 -7.29 27.29
CA GLY C 47 36.15 -8.65 26.83
C GLY C 47 35.71 -8.74 25.38
N TYR C 48 36.49 -9.41 24.54
CA TYR C 48 36.14 -9.54 23.14
C TYR C 48 36.56 -10.89 22.55
N MET C 49 36.07 -11.18 21.36
CA MET C 49 36.40 -12.40 20.64
C MET C 49 36.70 -12.14 19.18
N PHE C 50 37.70 -12.83 18.65
CA PHE C 50 37.93 -12.87 17.22
C PHE C 50 37.73 -14.30 16.73
N TRP C 51 36.73 -14.49 15.87
CA TRP C 51 36.40 -15.83 15.38
C TRP C 51 36.91 -16.02 13.97
N PRO C 52 37.96 -16.84 13.82
CA PRO C 52 38.60 -17.07 12.52
C PRO C 52 37.81 -18.02 11.63
N VAL C 53 38.07 -17.96 10.32
CA VAL C 53 37.44 -18.87 9.38
C VAL C 53 37.96 -20.30 9.57
N GLN C 54 37.03 -21.24 9.69
CA GLN C 54 37.38 -22.64 9.88
C GLN C 54 36.53 -23.55 9.00
N ASN C 55 36.79 -23.52 7.70
CA ASN C 55 36.05 -24.34 6.75
C ASN C 55 36.96 -25.22 5.91
N GLY C 56 38.05 -25.69 6.53
CA GLY C 56 39.00 -26.55 5.85
C GLY C 56 39.90 -25.79 4.90
N THR C 57 39.33 -24.77 4.25
CA THR C 57 40.09 -23.96 3.31
C THR C 57 40.53 -22.64 3.93
N ASN C 58 41.50 -21.98 3.31
CA ASN C 58 42.00 -20.73 3.81
C ASN C 58 41.20 -19.42 3.65
N GLU C 59 40.77 -19.16 2.43
CA GLU C 59 40.12 -17.94 2.04
C GLU C 59 39.14 -17.23 2.99
N VAL C 60 39.40 -15.96 3.28
CA VAL C 60 38.47 -15.10 4.00
C VAL C 60 37.78 -14.13 3.05
N ARG C 61 36.45 -14.16 3.01
CA ARG C 61 35.68 -13.28 2.12
C ARG C 61 35.44 -11.92 2.76
N GLY C 62 35.46 -11.89 4.09
CA GLY C 62 35.25 -10.65 4.82
C GLY C 62 35.11 -10.86 6.31
N ARG C 63 35.08 -9.76 7.06
CA ARG C 63 34.88 -9.82 8.50
C ARG C 63 33.61 -9.07 8.90
N VAL C 64 32.93 -9.57 9.93
CA VAL C 64 31.69 -8.95 10.38
C VAL C 64 31.73 -8.56 11.86
N LEU C 65 31.79 -7.27 12.12
CA LEU C 65 31.78 -6.76 13.49
C LEU C 65 30.38 -6.85 14.07
N LEU C 66 30.24 -7.58 15.17
CA LEU C 66 28.94 -7.80 15.79
C LEU C 66 28.70 -6.89 16.99
N ILE C 67 27.64 -6.09 16.92
CA ILE C 67 27.23 -5.24 18.03
C ILE C 67 26.01 -5.85 18.72
N HIS C 68 26.22 -6.39 19.93
CA HIS C 68 25.17 -7.10 20.63
C HIS C 68 24.10 -6.15 21.17
N GLY C 69 22.97 -6.72 21.57
CA GLY C 69 21.87 -5.94 22.09
C GLY C 69 21.89 -5.86 23.60
N PHE C 70 20.93 -5.15 24.18
CA PHE C 70 20.81 -5.02 25.62
C PHE C 70 20.60 -6.37 26.29
N GLY C 71 21.45 -6.68 27.26
CA GLY C 71 21.33 -7.93 28.00
C GLY C 71 22.04 -9.10 27.34
N GLU C 72 22.68 -8.84 26.21
CA GLU C 72 23.41 -9.90 25.52
C GLU C 72 24.91 -9.85 25.84
N TYR C 73 25.62 -10.84 25.36
CA TYR C 73 27.07 -10.94 25.51
C TYR C 73 27.59 -11.96 24.52
N THR C 74 28.89 -12.26 24.57
CA THR C 74 29.56 -13.08 23.56
C THR C 74 28.83 -14.38 23.23
N LYS C 75 28.44 -15.13 24.26
CA LYS C 75 27.84 -16.46 24.06
C LYS C 75 26.57 -16.40 23.21
N ILE C 76 25.83 -15.30 23.29
CA ILE C 76 24.59 -15.15 22.54
C ILE C 76 24.85 -15.13 21.04
N GLN C 77 26.02 -14.63 20.66
CA GLN C 77 26.38 -14.53 19.25
C GLN C 77 27.23 -15.71 18.77
N PHE C 78 27.40 -16.72 19.61
CA PHE C 78 28.15 -17.92 19.23
C PHE C 78 27.54 -18.59 18.02
N ARG C 79 26.21 -18.70 18.03
CA ARG C 79 25.47 -19.38 16.98
C ARG C 79 25.68 -18.70 15.63
N LEU C 80 25.73 -17.38 15.64
CA LEU C 80 25.95 -16.60 14.42
C LEU C 80 27.40 -16.66 13.97
N MET C 81 28.32 -16.51 14.91
CA MET C 81 29.75 -16.49 14.59
C MET C 81 30.22 -17.85 14.08
N ASP C 82 29.65 -18.92 14.62
CA ASP C 82 29.99 -20.28 14.22
C ASP C 82 29.63 -20.53 12.76
N HIS C 83 28.40 -20.17 12.38
CA HIS C 83 27.95 -20.35 11.00
C HIS C 83 28.72 -19.45 10.02
N LEU C 84 29.08 -18.25 10.47
CA LEU C 84 29.87 -17.34 9.65
C LEU C 84 31.25 -17.93 9.39
N SER C 85 31.82 -18.55 10.42
CA SER C 85 33.14 -19.17 10.32
C SER C 85 33.14 -20.31 9.29
N LEU C 86 32.06 -21.07 9.28
CA LEU C 86 31.92 -22.20 8.36
C LEU C 86 31.78 -21.74 6.91
N ASN C 87 31.29 -20.52 6.72
CA ASN C 87 31.01 -20.02 5.38
C ASN C 87 31.99 -18.96 4.90
N GLY C 88 33.18 -18.94 5.50
CA GLY C 88 34.24 -18.08 5.01
C GLY C 88 34.23 -16.65 5.51
N TYR C 89 33.61 -16.42 6.67
CA TYR C 89 33.57 -15.08 7.25
C TYR C 89 34.13 -15.03 8.67
N GLU C 90 35.06 -14.11 8.91
CA GLU C 90 35.56 -13.87 10.25
C GLU C 90 34.54 -13.07 11.04
N SER C 91 34.60 -13.17 12.37
CA SER C 91 33.70 -12.40 13.22
C SER C 91 34.47 -11.72 14.34
N PHE C 92 34.02 -10.51 14.70
CA PHE C 92 34.56 -9.81 15.85
C PHE C 92 33.43 -9.23 16.69
N THR C 93 33.40 -9.56 17.97
CA THR C 93 32.43 -8.98 18.88
C THR C 93 33.05 -8.67 20.23
N PHE C 94 32.40 -7.80 20.99
CA PHE C 94 32.89 -7.44 22.30
C PHE C 94 31.73 -7.13 23.24
N ASP C 95 31.89 -7.46 24.50
CA ASP C 95 30.92 -7.03 25.51
C ASP C 95 31.06 -5.53 25.69
N GLN C 96 30.02 -4.78 25.36
CA GLN C 96 30.05 -3.34 25.42
C GLN C 96 30.12 -2.87 26.87
N ARG C 97 30.45 -1.60 27.06
CA ARG C 97 30.44 -1.00 28.38
C ARG C 97 29.04 -1.10 28.97
N GLY C 98 28.95 -1.65 30.18
CA GLY C 98 27.68 -1.82 30.85
C GLY C 98 27.08 -3.21 30.67
N ALA C 99 27.79 -4.06 29.93
CA ALA C 99 27.29 -5.40 29.64
C ALA C 99 28.38 -6.47 29.74
N GLY C 100 27.95 -7.72 29.80
CA GLY C 100 28.84 -8.86 29.75
C GLY C 100 29.94 -8.84 30.81
N VAL C 101 31.11 -9.36 30.44
CA VAL C 101 32.23 -9.41 31.36
C VAL C 101 32.96 -8.08 31.44
N THR C 102 32.58 -7.14 30.58
CA THR C 102 33.22 -5.83 30.55
C THR C 102 32.83 -5.00 31.78
N SER C 103 31.57 -5.11 32.18
CA SER C 103 31.08 -4.33 33.31
C SER C 103 30.28 -5.18 34.28
N PRO C 104 30.96 -5.88 35.20
CA PRO C 104 30.32 -6.70 36.22
C PRO C 104 30.00 -5.90 37.49
N GLY C 105 29.09 -6.42 38.31
CA GLY C 105 28.76 -5.80 39.57
C GLY C 105 28.07 -4.44 39.44
N ARG C 106 28.68 -3.43 40.05
CA ARG C 106 28.10 -2.09 40.08
C ARG C 106 28.10 -1.44 38.70
N SER C 107 29.10 -1.81 37.89
CA SER C 107 29.28 -1.21 36.56
C SER C 107 28.24 -1.70 35.55
N LYS C 108 27.49 -2.72 35.92
CA LYS C 108 26.50 -3.30 35.02
C LYS C 108 25.39 -2.30 34.71
N GLY C 109 25.23 -1.99 33.43
CA GLY C 109 24.23 -1.03 33.00
C GLY C 109 24.72 0.41 33.01
N VAL C 110 25.97 0.61 33.42
CA VAL C 110 26.53 1.95 33.48
C VAL C 110 27.27 2.33 32.19
N THR C 111 26.59 3.10 31.35
CA THR C 111 27.19 3.61 30.11
C THR C 111 26.33 4.76 29.59
N ASP C 112 26.78 5.41 28.51
CA ASP C 112 26.00 6.49 27.92
C ASP C 112 26.33 6.66 26.44
N GLU C 113 25.61 7.58 25.80
CA GLU C 113 25.74 7.85 24.37
C GLU C 113 27.18 8.06 23.94
N TYR C 114 27.92 8.88 24.70
CA TYR C 114 29.30 9.17 24.36
C TYR C 114 30.14 7.88 24.33
N HIS C 115 30.05 7.10 25.40
CA HIS C 115 30.85 5.89 25.53
C HIS C 115 30.47 4.84 24.50
N VAL C 116 29.17 4.70 24.24
CA VAL C 116 28.66 3.71 23.29
C VAL C 116 29.38 3.81 21.94
N PHE C 117 29.46 5.01 21.39
CA PHE C 117 30.09 5.20 20.09
C PHE C 117 31.60 5.32 20.17
N ASN C 118 32.10 5.97 21.21
CA ASN C 118 33.54 6.10 21.40
C ASN C 118 34.20 4.74 21.54
N ASP C 119 33.59 3.86 22.34
CA ASP C 119 34.08 2.49 22.47
C ASP C 119 33.95 1.77 21.13
N LEU C 120 32.87 2.03 20.41
CA LEU C 120 32.65 1.40 19.12
C LEU C 120 33.72 1.82 18.11
N GLU C 121 34.04 3.11 18.07
CA GLU C 121 35.07 3.61 17.16
C GLU C 121 36.41 2.94 17.40
N HIS C 122 36.73 2.71 18.67
CA HIS C 122 37.98 2.04 19.04
C HIS C 122 38.09 0.67 18.38
N PHE C 123 37.01 -0.11 18.45
CA PHE C 123 37.04 -1.45 17.88
C PHE C 123 36.82 -1.45 16.38
N VAL C 124 36.18 -0.39 15.89
CA VAL C 124 36.03 -0.22 14.44
C VAL C 124 37.39 0.02 13.83
N GLU C 125 38.15 0.94 14.43
CA GLU C 125 39.48 1.30 13.95
C GLU C 125 40.46 0.13 14.01
N LYS C 126 40.37 -0.65 15.08
CA LYS C 126 41.20 -1.85 15.22
C LYS C 126 40.92 -2.85 14.10
N ASN C 127 39.66 -3.20 13.92
CA ASN C 127 39.28 -4.17 12.89
C ASN C 127 39.54 -3.65 11.49
N LEU C 128 39.34 -2.36 11.30
CA LEU C 128 39.54 -1.73 9.99
C LEU C 128 41.00 -1.89 9.58
N SER C 129 41.90 -1.72 10.54
CA SER C 129 43.33 -1.86 10.29
C SER C 129 43.70 -3.29 9.97
N GLU C 130 43.20 -4.22 10.78
CA GLU C 130 43.46 -5.65 10.58
C GLU C 130 42.86 -6.16 9.26
N CYS C 131 41.72 -5.60 8.85
CA CYS C 131 41.06 -6.01 7.61
C CYS C 131 41.78 -5.47 6.39
N LYS C 132 42.31 -4.27 6.50
CA LYS C 132 43.10 -3.67 5.43
C LYS C 132 44.38 -4.48 5.19
N ALA C 133 45.02 -4.92 6.26
CA ALA C 133 46.22 -5.75 6.14
C ALA C 133 45.93 -7.07 5.44
N LYS C 134 44.74 -7.61 5.66
CA LYS C 134 44.34 -8.86 5.02
C LYS C 134 43.68 -8.61 3.67
N GLY C 135 43.35 -7.34 3.40
CA GLY C 135 42.67 -6.99 2.17
C GLY C 135 41.25 -7.53 2.10
N ILE C 136 40.56 -7.50 3.23
CA ILE C 136 39.18 -7.99 3.29
C ILE C 136 38.23 -6.89 3.76
N PRO C 137 36.99 -6.90 3.24
CA PRO C 137 35.99 -5.90 3.61
C PRO C 137 35.48 -6.09 5.04
N LEU C 138 35.09 -4.99 5.68
CA LEU C 138 34.51 -5.07 7.02
C LEU C 138 33.04 -4.68 7.01
N PHE C 139 32.20 -5.59 7.48
CA PHE C 139 30.76 -5.32 7.60
C PHE C 139 30.37 -5.09 9.05
N MET C 140 29.27 -4.37 9.27
CA MET C 140 28.80 -4.11 10.62
C MET C 140 27.39 -4.64 10.86
N TRP C 141 27.26 -5.43 11.92
CA TRP C 141 25.99 -6.09 12.28
C TRP C 141 25.58 -5.72 13.70
N GLY C 142 24.27 -5.61 13.91
CA GLY C 142 23.75 -5.28 15.23
C GLY C 142 22.34 -5.79 15.46
N HIS C 143 22.11 -6.37 16.63
CA HIS C 143 20.78 -6.83 17.00
C HIS C 143 20.14 -5.88 18.04
N SER C 144 18.86 -5.60 17.86
CA SER C 144 18.09 -4.76 18.76
C SER C 144 18.82 -3.48 19.09
N MET C 145 19.17 -3.29 20.36
CA MET C 145 19.97 -2.12 20.77
C MET C 145 21.18 -1.92 19.89
N GLY C 146 21.89 -3.01 19.62
CA GLY C 146 23.04 -2.98 18.73
C GLY C 146 22.66 -2.65 17.31
N GLY C 147 21.44 -3.00 16.92
CA GLY C 147 20.94 -2.62 15.61
C GLY C 147 20.75 -1.11 15.53
N GLY C 148 20.20 -0.54 16.59
CA GLY C 148 20.03 0.90 16.68
C GLY C 148 21.36 1.62 16.59
N ILE C 149 22.37 1.07 17.25
CA ILE C 149 23.73 1.58 17.18
C ILE C 149 24.31 1.42 15.78
N CYS C 150 24.03 0.27 15.17
CA CYS C 150 24.54 -0.03 13.83
C CYS C 150 24.02 0.93 12.77
N LEU C 151 22.72 1.15 12.75
CA LEU C 151 22.11 2.02 11.75
C LEU C 151 22.47 3.47 12.00
N ASN C 152 22.70 3.82 13.25
CA ASN C 152 23.15 5.17 13.59
C ASN C 152 24.60 5.41 13.21
N TYR C 153 25.43 4.37 13.29
CA TYR C 153 26.84 4.50 12.92
C TYR C 153 26.94 4.79 11.42
N ALA C 154 26.02 4.23 10.66
CA ALA C 154 25.97 4.45 9.22
C ALA C 154 25.70 5.92 8.91
N CYS C 155 25.15 6.64 9.88
CA CYS C 155 24.84 8.06 9.70
C CYS C 155 25.87 8.98 10.37
N GLN C 156 26.43 8.55 11.49
CA GLN C 156 27.26 9.45 12.32
C GLN C 156 28.68 8.94 12.56
N GLY C 157 28.96 7.70 12.16
CA GLY C 157 30.26 7.10 12.43
C GLY C 157 31.41 7.79 11.74
N LYS C 158 32.56 7.82 12.42
CA LYS C 158 33.78 8.40 11.87
C LYS C 158 34.23 7.67 10.60
N HIS C 159 34.03 6.36 10.56
CA HIS C 159 34.44 5.57 9.40
C HIS C 159 33.23 4.93 8.73
N LYS C 160 32.11 5.65 8.74
CA LYS C 160 30.88 5.14 8.15
C LYS C 160 31.04 4.85 6.67
N ASN C 161 31.93 5.59 6.00
CA ASN C 161 32.17 5.41 4.58
C ASN C 161 33.19 4.31 4.30
N GLU C 162 33.74 3.73 5.36
CA GLU C 162 34.77 2.71 5.21
C GLU C 162 34.22 1.31 5.49
N ILE C 163 33.07 1.27 6.16
CA ILE C 163 32.34 0.02 6.34
C ILE C 163 31.74 -0.42 5.01
N SER C 164 31.88 -1.70 4.67
CA SER C 164 31.42 -2.21 3.38
C SER C 164 29.92 -2.44 3.32
N GLY C 165 29.28 -2.61 4.48
CA GLY C 165 27.86 -2.87 4.52
C GLY C 165 27.31 -2.89 5.93
N TYR C 166 26.00 -2.64 6.04
CA TYR C 166 25.33 -2.58 7.34
C TYR C 166 24.19 -3.59 7.44
N ILE C 167 24.16 -4.34 8.52
CA ILE C 167 23.11 -5.33 8.75
C ILE C 167 22.42 -5.08 10.09
N GLY C 168 21.10 -4.96 10.05
CA GLY C 168 20.32 -4.73 11.26
C GLY C 168 19.44 -5.93 11.60
N SER C 169 19.52 -6.38 12.84
CA SER C 169 18.72 -7.51 13.30
C SER C 169 17.66 -7.05 14.29
N GLY C 170 16.42 -6.93 13.81
CA GLY C 170 15.34 -6.36 14.60
C GLY C 170 15.79 -5.12 15.35
N PRO C 171 16.30 -4.12 14.63
CA PRO C 171 16.94 -2.98 15.32
C PRO C 171 15.96 -2.21 16.19
N LEU C 172 16.42 -1.76 17.34
CA LEU C 172 15.60 -0.94 18.21
C LEU C 172 15.46 0.46 17.63
N ILE C 173 14.39 0.68 16.89
CA ILE C 173 14.05 2.01 16.42
C ILE C 173 12.86 2.54 17.23
N ILE C 174 11.74 1.83 17.16
CA ILE C 174 10.62 2.09 18.06
C ILE C 174 10.13 0.80 18.71
N LEU C 175 9.91 0.84 20.02
CA LEU C 175 9.36 -0.30 20.74
C LEU C 175 7.96 -0.64 20.24
N HIS C 176 7.66 -1.93 20.18
CA HIS C 176 6.35 -2.40 19.78
C HIS C 176 5.31 -2.02 20.85
N PRO C 177 4.11 -1.59 20.41
CA PRO C 177 3.02 -1.17 21.30
C PRO C 177 2.75 -2.15 22.43
N HIS C 178 2.84 -3.44 22.14
CA HIS C 178 2.59 -4.48 23.13
C HIS C 178 3.58 -4.41 24.28
N THR C 179 4.84 -4.15 23.96
CA THR C 179 5.88 -4.02 24.97
C THR C 179 5.67 -2.75 25.79
N MET C 180 5.28 -1.67 25.12
CA MET C 180 5.09 -0.39 25.80
C MET C 180 3.90 -0.45 26.76
N TYR C 181 2.87 -1.17 26.38
CA TYR C 181 1.69 -1.32 27.24
C TYR C 181 1.94 -2.28 28.40
N ASN C 182 2.59 -3.40 28.12
CA ASN C 182 2.79 -4.44 29.13
C ASN C 182 4.02 -4.22 29.99
N LYS C 183 4.95 -3.41 29.49
CA LYS C 183 6.13 -3.03 30.27
C LYS C 183 6.33 -1.52 30.21
N PRO C 184 5.39 -0.77 30.80
CA PRO C 184 5.42 0.70 30.74
C PRO C 184 6.64 1.27 31.46
N THR C 185 7.30 0.47 32.28
CA THR C 185 8.49 0.91 33.02
C THR C 185 9.65 1.28 32.08
N GLN C 186 9.65 0.69 30.89
CA GLN C 186 10.68 0.99 29.90
C GLN C 186 10.44 2.32 29.22
N ILE C 187 9.30 2.93 29.52
CA ILE C 187 8.93 4.23 28.97
C ILE C 187 9.19 5.31 30.01
N ILE C 188 8.87 5.00 31.26
CA ILE C 188 9.00 5.95 32.36
C ILE C 188 10.45 6.18 32.76
N ALA C 189 11.23 5.09 32.81
CA ALA C 189 12.63 5.17 33.22
C ALA C 189 13.46 6.16 32.40
N PRO C 190 13.39 6.10 31.05
CA PRO C 190 14.18 7.08 30.30
C PRO C 190 13.78 8.51 30.60
N LEU C 191 12.50 8.74 30.87
CA LEU C 191 12.00 10.07 31.18
C LEU C 191 12.69 10.68 32.40
N LEU C 192 13.07 9.84 33.35
CA LEU C 192 13.63 10.31 34.62
C LEU C 192 15.13 10.26 34.67
N ALA C 193 15.76 10.08 33.52
CA ALA C 193 17.20 9.86 33.47
C ALA C 193 17.95 11.15 33.77
N LYS C 194 17.31 12.28 33.55
CA LYS C 194 17.97 13.56 33.73
C LYS C 194 18.15 13.88 35.21
N PHE C 195 17.30 13.32 36.07
CA PHE C 195 17.36 13.61 37.49
C PHE C 195 18.19 12.60 38.27
N SER C 196 18.07 11.32 37.91
CA SER C 196 18.87 10.29 38.55
C SER C 196 19.36 9.28 37.52
N PRO C 197 20.37 9.67 36.75
CA PRO C 197 20.90 8.87 35.63
C PRO C 197 21.54 7.56 36.06
N ARG C 198 21.94 7.45 37.31
CA ARG C 198 22.69 6.27 37.76
C ARG C 198 21.81 5.21 38.42
N VAL C 199 20.52 5.50 38.56
CA VAL C 199 19.59 4.50 39.08
C VAL C 199 19.50 3.33 38.12
N ARG C 200 19.70 2.12 38.64
CA ARG C 200 19.63 0.92 37.82
C ARG C 200 18.35 0.12 38.10
N ILE C 201 17.79 -0.46 37.05
CA ILE C 201 16.57 -1.26 37.16
C ILE C 201 16.65 -2.58 36.42
N ASP C 202 15.91 -3.57 36.90
CA ASP C 202 15.77 -4.85 36.22
C ASP C 202 14.30 -5.06 35.87
N THR C 203 13.97 -4.89 34.59
CA THR C 203 12.59 -4.97 34.12
C THR C 203 12.16 -6.39 33.76
N GLY C 204 13.10 -7.33 33.83
CA GLY C 204 12.79 -8.71 33.53
C GLY C 204 12.75 -9.03 32.04
N LEU C 205 13.18 -10.23 31.69
CA LEU C 205 13.21 -10.67 30.30
C LEU C 205 11.84 -11.15 29.83
N ASP C 206 11.43 -10.66 28.66
CA ASP C 206 10.21 -11.14 28.02
C ASP C 206 10.53 -12.38 27.20
N LEU C 207 10.65 -13.52 27.88
CA LEU C 207 11.07 -14.77 27.26
C LEU C 207 10.19 -15.19 26.09
N LYS C 208 8.88 -15.01 26.22
CA LYS C 208 7.96 -15.39 25.15
C LYS C 208 8.09 -14.47 23.93
N GLY C 209 8.39 -13.20 24.17
CA GLY C 209 8.58 -12.26 23.08
C GLY C 209 9.94 -12.41 22.41
N ILE C 210 10.93 -12.81 23.20
CA ILE C 210 12.30 -12.95 22.70
C ILE C 210 12.43 -14.08 21.67
N THR C 211 11.86 -15.23 21.98
CA THR C 211 11.96 -16.38 21.07
C THR C 211 10.76 -17.30 21.16
N SER C 212 10.52 -18.05 20.08
CA SER C 212 9.44 -19.02 20.04
C SER C 212 9.91 -20.40 20.51
N ASP C 213 11.22 -20.60 20.54
CA ASP C 213 11.78 -21.89 20.96
C ASP C 213 11.90 -21.99 22.47
N LYS C 214 11.21 -22.97 23.04
CA LYS C 214 11.20 -23.15 24.50
C LYS C 214 12.55 -23.59 25.03
N ALA C 215 13.37 -24.16 24.16
CA ALA C 215 14.70 -24.64 24.55
C ALA C 215 15.63 -23.47 24.87
N TYR C 216 15.67 -22.48 24.00
CA TYR C 216 16.51 -21.31 24.22
C TYR C 216 15.92 -20.46 25.34
N ARG C 217 14.59 -20.44 25.41
CA ARG C 217 13.88 -19.75 26.48
C ARG C 217 14.32 -20.26 27.85
N ALA C 218 14.38 -21.58 27.96
CA ALA C 218 14.81 -22.23 29.20
C ALA C 218 16.25 -21.87 29.50
N PHE C 219 17.09 -21.86 28.46
CA PHE C 219 18.48 -21.49 28.62
C PHE C 219 18.63 -20.05 29.07
N LEU C 220 17.95 -19.14 28.38
CA LEU C 220 18.07 -17.72 28.65
C LEU C 220 17.57 -17.37 30.05
N GLY C 221 16.44 -17.97 30.44
CA GLY C 221 15.87 -17.72 31.75
C GLY C 221 16.67 -18.30 32.90
N SER C 222 17.59 -19.21 32.58
CA SER C 222 18.40 -19.86 33.59
C SER C 222 19.85 -19.39 33.56
N ASP C 223 20.23 -18.71 32.48
CA ASP C 223 21.61 -18.29 32.30
C ASP C 223 22.02 -17.22 33.31
N PRO C 224 23.02 -17.54 34.16
CA PRO C 224 23.51 -16.60 35.17
C PRO C 224 24.07 -15.32 34.55
N MET C 225 24.54 -15.39 33.31
CA MET C 225 25.10 -14.23 32.63
C MET C 225 24.03 -13.35 32.01
N SER C 226 22.78 -13.83 32.05
CA SER C 226 21.66 -13.10 31.47
C SER C 226 20.73 -12.57 32.55
N VAL C 227 20.61 -13.32 33.64
CA VAL C 227 19.76 -12.94 34.76
C VAL C 227 20.61 -12.78 36.03
N PRO C 228 20.45 -11.68 36.77
CA PRO C 228 19.54 -10.56 36.50
C PRO C 228 20.12 -9.57 35.48
N LEU C 229 19.25 -8.78 34.88
CA LEU C 229 19.69 -7.81 33.88
C LEU C 229 19.43 -6.39 34.35
N TYR C 230 20.49 -5.67 34.69
CA TYR C 230 20.36 -4.29 35.15
C TYR C 230 20.78 -3.27 34.09
N GLY C 231 20.01 -2.19 33.99
CA GLY C 231 20.33 -1.09 33.12
C GLY C 231 20.08 0.23 33.82
N SER C 232 20.97 1.20 33.61
CA SER C 232 20.81 2.51 34.22
C SER C 232 19.85 3.38 33.42
N PHE C 233 19.25 4.36 34.08
CA PHE C 233 18.32 5.27 33.41
C PHE C 233 19.00 5.97 32.24
N ARG C 234 20.26 6.33 32.41
CA ARG C 234 21.01 7.02 31.36
C ARG C 234 21.21 6.11 30.16
N GLN C 235 21.64 4.88 30.41
CA GLN C 235 21.85 3.90 29.35
C GLN C 235 20.57 3.66 28.56
N ILE C 236 19.49 3.37 29.27
CA ILE C 236 18.20 3.09 28.64
C ILE C 236 17.69 4.31 27.87
N HIS C 237 17.76 5.48 28.48
CA HIS C 237 17.32 6.71 27.83
C HIS C 237 18.07 6.94 26.52
N ASP C 238 19.36 6.69 26.55
CA ASP C 238 20.22 6.95 25.39
C ASP C 238 19.92 6.03 24.21
N PHE C 239 19.67 4.75 24.44
CA PHE C 239 19.38 3.91 23.28
C PHE C 239 17.91 3.98 22.89
N MET C 240 17.06 4.45 23.81
CA MET C 240 15.67 4.72 23.46
C MET C 240 15.61 5.95 22.56
N GLN C 241 16.37 6.97 22.93
CA GLN C 241 16.42 8.22 22.16
C GLN C 241 17.09 7.97 20.81
N ARG C 242 18.11 7.13 20.83
CA ARG C 242 18.87 6.73 19.65
C ARG C 242 17.95 6.25 18.53
N GLY C 243 17.07 5.31 18.84
CA GLY C 243 16.16 4.75 17.87
C GLY C 243 15.10 5.74 17.44
N ALA C 244 14.55 6.45 18.40
CA ALA C 244 13.48 7.42 18.14
C ALA C 244 13.96 8.49 17.18
N LYS C 245 15.24 8.83 17.25
CA LYS C 245 15.84 9.82 16.36
C LYS C 245 15.75 9.35 14.91
N LEU C 246 16.02 8.08 14.68
CA LEU C 246 15.93 7.52 13.34
C LEU C 246 14.48 7.44 12.86
N TYR C 247 13.57 7.14 13.78
CA TYR C 247 12.16 7.01 13.42
C TYR C 247 11.56 8.36 13.06
N LYS C 248 11.87 9.39 13.85
CA LYS C 248 11.36 10.73 13.58
C LYS C 248 11.93 11.29 12.29
N ASN C 249 13.21 11.02 12.05
CA ASN C 249 13.91 11.49 10.86
C ASN C 249 13.72 12.99 10.64
N GLU C 250 13.98 13.76 11.69
CA GLU C 250 13.75 15.20 11.66
C GLU C 250 14.60 15.87 10.58
N ASN C 251 13.93 16.62 9.71
CA ASN C 251 14.58 17.33 8.61
C ASN C 251 15.44 16.40 7.74
N ASN C 252 14.89 15.23 7.45
CA ASN C 252 15.55 14.22 6.62
C ASN C 252 16.98 13.93 7.05
N TYR C 253 17.16 13.69 8.34
CA TYR C 253 18.47 13.38 8.90
C TYR C 253 19.12 12.18 8.20
N ILE C 254 18.32 11.14 7.96
CA ILE C 254 18.85 9.92 7.37
C ILE C 254 19.35 10.17 5.94
N GLN C 255 18.50 10.76 5.10
CA GLN C 255 18.88 11.04 3.71
C GLN C 255 20.14 11.90 3.60
N LYS C 256 20.33 12.79 4.57
CA LYS C 256 21.47 13.71 4.55
C LYS C 256 22.77 13.06 5.01
N ASN C 257 22.69 12.14 5.96
CA ASN C 257 23.89 11.69 6.65
C ASN C 257 24.26 10.23 6.45
N PHE C 258 23.35 9.44 5.89
CA PHE C 258 23.62 8.02 5.65
C PHE C 258 24.79 7.87 4.68
N ALA C 259 25.76 7.05 5.07
CA ALA C 259 26.99 6.86 4.28
C ALA C 259 26.67 6.58 2.82
N LYS C 260 27.23 7.43 1.95
CA LYS C 260 26.87 7.46 0.53
C LYS C 260 27.03 6.10 -0.16
N ASP C 261 25.92 5.63 -0.73
CA ASP C 261 25.89 4.41 -1.54
C ASP C 261 26.40 3.17 -0.82
N LYS C 262 26.18 3.10 0.49
CA LYS C 262 26.52 1.91 1.25
C LYS C 262 25.33 0.96 1.33
N PRO C 263 25.56 -0.32 1.02
CA PRO C 263 24.47 -1.31 1.08
C PRO C 263 23.99 -1.55 2.51
N VAL C 264 22.68 -1.65 2.69
CA VAL C 264 22.11 -1.92 4.01
C VAL C 264 20.97 -2.94 3.88
N ILE C 265 20.88 -3.84 4.85
CA ILE C 265 19.75 -4.76 4.89
C ILE C 265 19.29 -4.98 6.32
N ILE C 266 17.98 -5.00 6.52
CA ILE C 266 17.44 -5.25 7.84
C ILE C 266 16.66 -6.55 7.86
N MET C 267 16.89 -7.36 8.89
CA MET C 267 16.15 -8.61 9.01
C MET C 267 15.39 -8.58 10.33
N HIS C 268 14.08 -8.79 10.23
CA HIS C 268 13.18 -8.53 11.35
C HIS C 268 12.11 -9.60 11.40
N GLY C 269 11.94 -10.22 12.57
CA GLY C 269 10.89 -11.21 12.74
C GLY C 269 9.52 -10.58 12.63
N GLN C 270 8.67 -11.18 11.80
CA GLN C 270 7.33 -10.67 11.55
C GLN C 270 6.51 -10.65 12.83
N ASP C 271 6.75 -11.61 13.72
CA ASP C 271 6.00 -11.68 14.97
C ASP C 271 6.77 -11.05 16.13
N ASP C 272 7.73 -10.19 15.82
CA ASP C 272 8.46 -9.45 16.85
C ASP C 272 7.51 -8.49 17.56
N THR C 273 7.28 -8.72 18.85
CA THR C 273 6.41 -7.86 19.63
C THR C 273 7.21 -7.11 20.67
N ILE C 274 8.53 -7.07 20.47
CA ILE C 274 9.41 -6.29 21.31
C ILE C 274 9.80 -5.00 20.58
N ASN C 275 10.48 -5.15 19.44
CA ASN C 275 10.79 -4.03 18.58
C ASN C 275 9.89 -4.03 17.35
N ASP C 276 9.17 -2.93 17.14
CA ASP C 276 8.17 -2.84 16.08
C ASP C 276 8.81 -2.95 14.70
N PRO C 277 8.33 -3.90 13.88
CA PRO C 277 8.79 -4.06 12.51
C PRO C 277 8.52 -2.83 11.64
N LYS C 278 7.54 -2.03 12.03
CA LYS C 278 7.25 -0.79 11.31
C LYS C 278 8.43 0.19 11.36
N GLY C 279 9.22 0.09 12.42
CA GLY C 279 10.40 0.94 12.57
C GLY C 279 11.42 0.62 11.49
N SER C 280 11.62 -0.68 11.26
CA SER C 280 12.53 -1.13 10.22
C SER C 280 12.01 -0.74 8.84
N GLU C 281 10.69 -0.84 8.67
CA GLU C 281 10.06 -0.51 7.40
C GLU C 281 10.29 0.94 7.03
N LYS C 282 10.11 1.85 7.99
CA LYS C 282 10.27 3.27 7.74
C LYS C 282 11.73 3.66 7.49
N PHE C 283 12.66 3.00 8.17
CA PHE C 283 14.08 3.30 7.98
C PHE C 283 14.53 3.00 6.56
N ILE C 284 14.20 1.81 6.06
CA ILE C 284 14.53 1.42 4.70
C ILE C 284 13.91 2.40 3.70
N ARG C 285 12.67 2.80 3.99
CA ARG C 285 11.97 3.78 3.17
C ARG C 285 12.74 5.09 3.09
N ASP C 286 13.20 5.58 4.25
CA ASP C 286 13.92 6.85 4.33
C ASP C 286 15.36 6.75 3.82
N CYS C 287 15.93 5.55 3.86
CA CYS C 287 17.31 5.34 3.43
C CYS C 287 17.48 5.69 1.95
N PRO C 288 18.43 6.58 1.65
CA PRO C 288 18.69 7.06 0.29
C PRO C 288 19.50 6.08 -0.55
N SER C 289 20.15 5.12 0.10
CA SER C 289 20.99 4.15 -0.58
C SER C 289 20.19 3.31 -1.58
N ALA C 290 20.80 2.96 -2.70
CA ALA C 290 20.13 2.14 -3.71
C ALA C 290 19.97 0.70 -3.22
N ASP C 291 21.05 0.16 -2.67
CA ASP C 291 21.07 -1.22 -2.19
C ASP C 291 20.51 -1.30 -0.77
N LYS C 292 19.18 -1.34 -0.68
CA LYS C 292 18.50 -1.37 0.61
C LYS C 292 17.36 -2.39 0.55
N GLU C 293 17.12 -3.06 1.66
CA GLU C 293 16.05 -4.06 1.71
C GLU C 293 15.63 -4.37 3.14
N LEU C 294 14.33 -4.59 3.32
CA LEU C 294 13.81 -5.11 4.57
C LEU C 294 13.30 -6.53 4.36
N LYS C 295 13.78 -7.47 5.18
CA LYS C 295 13.27 -8.83 5.14
C LYS C 295 12.53 -9.16 6.42
N LEU C 296 11.24 -9.48 6.29
CA LEU C 296 10.40 -9.88 7.40
C LEU C 296 10.25 -11.40 7.41
N TYR C 297 10.25 -12.00 8.59
CA TYR C 297 10.22 -13.45 8.69
C TYR C 297 9.02 -13.98 9.47
N PRO C 298 8.06 -14.55 8.76
CA PRO C 298 6.85 -15.10 9.39
C PRO C 298 7.19 -15.99 10.59
N GLY C 299 6.22 -16.19 11.46
CA GLY C 299 6.42 -17.02 12.64
C GLY C 299 7.74 -16.75 13.33
N ALA C 300 8.29 -15.56 13.09
CA ALA C 300 9.56 -15.16 13.69
C ALA C 300 9.37 -14.04 14.71
N ARG C 301 9.93 -14.22 15.90
CA ARG C 301 9.83 -13.23 16.95
C ARG C 301 11.19 -12.55 17.12
N HIS C 302 11.56 -11.99 18.21
CA HIS C 302 12.66 -11.04 18.32
C HIS C 302 14.07 -11.49 17.93
N SER C 303 14.62 -12.43 18.68
CA SER C 303 16.02 -12.81 18.52
C SER C 303 16.25 -13.84 17.42
N ILE C 304 16.05 -13.42 16.17
CA ILE C 304 16.10 -14.32 15.02
C ILE C 304 17.49 -14.88 14.71
N PHE C 305 18.53 -14.17 15.12
CA PHE C 305 19.91 -14.56 14.80
C PHE C 305 20.60 -15.34 15.92
N SER C 306 19.90 -15.58 17.02
CA SER C 306 20.57 -16.16 18.18
C SER C 306 19.71 -17.21 18.90
N LEU C 307 18.49 -16.86 19.27
CA LEU C 307 17.72 -17.73 20.16
C LEU C 307 16.45 -18.34 19.57
N GLU C 308 16.26 -18.19 18.26
CA GLU C 308 15.09 -18.79 17.61
C GLU C 308 15.32 -20.23 17.19
N THR C 309 14.29 -20.84 16.60
CA THR C 309 14.36 -22.23 16.19
C THR C 309 15.35 -22.41 15.03
N ASP C 310 15.80 -23.65 14.84
CA ASP C 310 16.73 -23.98 13.77
C ASP C 310 16.16 -23.60 12.41
N LYS C 311 14.85 -23.75 12.25
CA LYS C 311 14.19 -23.42 11.00
C LYS C 311 14.29 -21.93 10.72
N VAL C 312 13.97 -21.12 11.72
CA VAL C 312 14.04 -19.67 11.61
C VAL C 312 15.47 -19.19 11.38
N PHE C 313 16.39 -19.69 12.20
CA PHE C 313 17.78 -19.26 12.11
C PHE C 313 18.40 -19.59 10.76
N ASN C 314 18.11 -20.77 10.24
CA ASN C 314 18.67 -21.18 8.95
C ASN C 314 18.20 -20.27 7.83
N THR C 315 16.91 -19.97 7.81
CA THR C 315 16.35 -19.07 6.81
C THR C 315 16.98 -17.68 6.93
N VAL C 316 17.08 -17.21 8.17
CA VAL C 316 17.59 -15.88 8.47
C VAL C 316 19.08 -15.76 8.17
N PHE C 317 19.87 -16.72 8.66
CA PHE C 317 21.31 -16.69 8.41
C PHE C 317 21.63 -16.81 6.92
N ASN C 318 20.90 -17.70 6.24
CA ASN C 318 21.11 -17.92 4.81
C ASN C 318 20.96 -16.65 4.00
N ASP C 319 19.97 -15.82 4.36
CA ASP C 319 19.78 -14.55 3.69
C ASP C 319 20.96 -13.61 3.92
N MET C 320 21.50 -13.64 5.14
CA MET C 320 22.68 -12.82 5.46
C MET C 320 23.88 -13.32 4.68
N LYS C 321 24.09 -14.62 4.72
CA LYS C 321 25.23 -15.26 4.07
C LYS C 321 25.22 -14.98 2.57
N GLN C 322 24.05 -15.10 1.95
CA GLN C 322 23.91 -14.80 0.54
C GLN C 322 24.16 -13.32 0.26
N TRP C 323 23.66 -12.48 1.16
CA TRP C 323 23.82 -11.04 1.03
C TRP C 323 25.30 -10.65 1.11
N LEU C 324 26.02 -11.26 2.05
CA LEU C 324 27.45 -11.01 2.20
C LEU C 324 28.24 -11.49 1.00
N ASP C 325 27.98 -12.73 0.54
CA ASP C 325 28.60 -13.26 -0.67
C ASP C 325 28.34 -12.34 -1.86
N LYS C 326 27.11 -11.86 -1.95
CA LYS C 326 26.68 -10.98 -3.01
C LYS C 326 27.44 -9.65 -3.00
N HIS C 327 28.02 -9.29 -1.86
CA HIS C 327 28.76 -8.03 -1.75
C HIS C 327 30.25 -8.24 -1.51
N THR C 328 30.74 -9.43 -1.76
CA THR C 328 32.16 -9.72 -1.67
C THR C 328 32.55 -10.50 -2.87
N THR C 329 33.82 -10.82 -2.98
CA THR C 329 34.32 -11.51 -4.16
C THR C 329 35.30 -12.63 -3.84
N SER D 22 21.57 38.51 -27.22
CA SER D 22 22.18 39.07 -28.43
C SER D 22 21.73 38.26 -29.65
N ALA D 23 22.35 37.09 -29.84
CA ALA D 23 21.93 36.20 -30.91
C ALA D 23 20.59 35.55 -30.56
N PRO D 24 19.67 35.49 -31.52
CA PRO D 24 18.32 34.99 -31.29
C PRO D 24 18.24 33.47 -31.20
N TYR D 25 17.22 32.97 -30.51
CA TYR D 25 16.95 31.55 -30.42
C TYR D 25 16.50 31.02 -31.77
N PRO D 26 17.31 30.14 -32.39
CA PRO D 26 17.10 29.66 -33.76
C PRO D 26 15.79 28.88 -33.98
N TYR D 27 15.25 28.26 -32.93
CA TYR D 27 14.07 27.42 -33.11
C TYR D 27 12.77 28.18 -32.84
N LYS D 28 11.77 27.94 -33.69
CA LYS D 28 10.46 28.55 -33.55
C LYS D 28 9.45 27.56 -32.97
N VAL D 29 8.95 27.87 -31.79
CA VAL D 29 7.97 27.01 -31.13
C VAL D 29 6.68 26.98 -31.93
N GLN D 30 6.14 25.78 -32.13
CA GLN D 30 4.95 25.60 -32.95
C GLN D 30 3.67 25.60 -32.10
N THR D 31 3.82 25.26 -30.83
CA THR D 31 2.68 25.27 -29.91
C THR D 31 2.74 26.50 -29.01
N THR D 32 1.81 26.57 -28.06
CA THR D 32 1.79 27.68 -27.11
C THR D 32 2.73 27.41 -25.95
N VAL D 33 3.71 28.29 -25.77
CA VAL D 33 4.68 28.14 -24.69
C VAL D 33 4.00 28.33 -23.34
N PRO D 34 4.09 27.31 -22.47
CA PRO D 34 3.46 27.32 -21.15
C PRO D 34 4.00 28.43 -20.26
N GLU D 35 3.20 28.83 -19.28
CA GLU D 35 3.62 29.82 -18.30
C GLU D 35 4.70 29.23 -17.39
N LEU D 36 5.77 29.98 -17.18
CA LEU D 36 6.81 29.57 -16.25
C LEU D 36 6.28 29.72 -14.83
N GLN D 37 5.96 28.59 -14.21
CA GLN D 37 5.39 28.60 -12.87
C GLN D 37 6.47 28.41 -11.80
N TYR D 38 6.12 28.67 -10.55
CA TYR D 38 7.05 28.53 -9.44
C TYR D 38 6.44 27.72 -8.30
N GLU D 39 7.27 26.95 -7.63
CA GLU D 39 6.83 26.15 -6.49
C GLU D 39 7.94 26.05 -5.45
N ASN D 40 7.56 26.21 -4.18
CA ASN D 40 8.53 26.15 -3.10
C ASN D 40 8.67 24.74 -2.53
N PHE D 41 9.91 24.33 -2.30
CA PHE D 41 10.19 23.06 -1.66
C PHE D 41 11.59 23.05 -1.06
N ASP D 42 11.67 22.74 0.24
CA ASP D 42 12.93 22.57 0.94
C ASP D 42 13.85 23.78 0.79
N GLY D 43 13.29 24.97 0.95
CA GLY D 43 14.07 26.19 0.98
C GLY D 43 14.47 26.76 -0.37
N ALA D 44 13.73 26.40 -1.42
CA ALA D 44 14.05 26.90 -2.76
C ALA D 44 12.78 27.12 -3.58
N LYS D 45 12.77 28.20 -4.35
CA LYS D 45 11.65 28.50 -5.22
C LYS D 45 11.93 27.96 -6.63
N PHE D 46 11.38 26.78 -6.93
CA PHE D 46 11.65 26.10 -8.19
C PHE D 46 10.81 26.64 -9.32
N GLY D 47 11.46 27.16 -10.35
CA GLY D 47 10.77 27.49 -11.58
C GLY D 47 10.53 26.20 -12.34
N TYR D 48 9.31 26.02 -12.85
CA TYR D 48 8.99 24.81 -13.60
C TYR D 48 7.98 25.08 -14.72
N MET D 49 7.84 24.11 -15.60
CA MET D 49 6.89 24.21 -16.71
C MET D 49 6.15 22.90 -16.89
N PHE D 50 4.84 22.99 -17.04
CA PHE D 50 4.05 21.85 -17.48
C PHE D 50 3.59 22.11 -18.92
N TRP D 51 4.10 21.31 -19.84
CA TRP D 51 3.77 21.47 -21.25
C TRP D 51 2.69 20.47 -21.66
N PRO D 52 1.43 20.95 -21.78
CA PRO D 52 0.30 20.07 -22.10
C PRO D 52 0.37 19.56 -23.54
N VAL D 53 -0.29 18.46 -23.83
CA VAL D 53 -0.42 18.01 -25.18
C VAL D 53 -1.22 19.03 -25.93
N GLN D 54 -0.86 19.30 -27.17
CA GLN D 54 -1.52 20.34 -27.93
C GLN D 54 -1.52 19.96 -29.37
N ASN D 55 -2.54 19.23 -29.82
CA ASN D 55 -2.66 18.88 -31.20
C ASN D 55 -4.06 18.57 -31.64
N GLY D 56 -4.21 17.40 -32.25
CA GLY D 56 -5.44 16.97 -32.89
C GLY D 56 -6.53 16.62 -31.92
N THR D 57 -6.25 15.59 -31.15
CA THR D 57 -7.23 15.06 -30.21
C THR D 57 -7.05 15.61 -28.79
N ASN D 58 -5.92 16.28 -28.56
CA ASN D 58 -5.47 16.73 -27.23
C ASN D 58 -5.32 15.62 -26.18
N GLU D 59 -5.37 14.37 -26.62
CA GLU D 59 -5.25 13.26 -25.69
C GLU D 59 -3.80 12.79 -25.56
N VAL D 60 -3.51 12.24 -24.39
CA VAL D 60 -2.17 12.01 -23.90
C VAL D 60 -1.71 10.57 -24.00
N ARG D 61 -0.60 10.30 -24.65
CA ARG D 61 -0.05 8.94 -24.63
C ARG D 61 0.60 8.73 -23.28
N GLY D 62 1.36 9.73 -22.86
CA GLY D 62 2.00 9.74 -21.57
C GLY D 62 2.72 11.06 -21.30
N ARG D 63 3.35 11.14 -20.14
CA ARG D 63 4.11 12.33 -19.75
C ARG D 63 5.59 11.99 -19.59
N VAL D 64 6.45 12.92 -19.97
CA VAL D 64 7.90 12.72 -19.84
C VAL D 64 8.52 13.78 -18.93
N LEU D 65 9.18 13.33 -17.87
CA LEU D 65 9.89 14.24 -16.97
C LEU D 65 11.29 14.50 -17.48
N LEU D 66 11.60 15.77 -17.75
CA LEU D 66 12.89 16.13 -18.32
C LEU D 66 13.86 16.68 -17.28
N ILE D 67 15.00 16.02 -17.13
CA ILE D 67 16.05 16.46 -16.23
C ILE D 67 17.18 17.13 -17.01
N HIS D 68 17.28 18.45 -16.90
CA HIS D 68 18.23 19.20 -17.71
C HIS D 68 19.67 18.98 -17.27
N GLY D 69 20.62 19.33 -18.13
CA GLY D 69 22.02 19.18 -17.81
C GLY D 69 22.60 20.40 -17.11
N PHE D 70 23.88 20.31 -16.75
CA PHE D 70 24.57 21.42 -16.09
C PHE D 70 24.62 22.62 -17.02
N GLY D 71 24.15 23.77 -16.53
CA GLY D 71 24.15 24.99 -17.32
C GLY D 71 22.92 25.20 -18.16
N GLU D 72 22.01 24.23 -18.14
CA GLU D 72 20.78 24.32 -18.89
C GLU D 72 19.64 24.85 -18.05
N TYR D 73 18.51 25.13 -18.70
CA TYR D 73 17.28 25.54 -18.04
C TYR D 73 16.11 25.34 -18.98
N THR D 74 14.93 25.82 -18.60
CA THR D 74 13.69 25.54 -19.32
C THR D 74 13.78 25.79 -20.83
N LYS D 75 14.30 26.94 -21.23
CA LYS D 75 14.35 27.33 -22.65
C LYS D 75 15.12 26.31 -23.50
N ILE D 76 16.15 25.71 -22.92
CA ILE D 76 16.96 24.73 -23.63
C ILE D 76 16.12 23.52 -24.05
N GLN D 77 15.14 23.17 -23.22
CA GLN D 77 14.28 22.02 -23.51
C GLN D 77 13.00 22.39 -24.25
N PHE D 78 12.88 23.65 -24.68
CA PHE D 78 11.69 24.09 -25.43
C PHE D 78 11.51 23.27 -26.72
N ARG D 79 12.62 23.11 -27.44
CA ARG D 79 12.61 22.43 -28.73
C ARG D 79 12.07 21.00 -28.61
N LEU D 80 12.46 20.31 -27.55
CA LEU D 80 12.04 18.93 -27.35
C LEU D 80 10.60 18.83 -26.85
N MET D 81 10.26 19.68 -25.89
CA MET D 81 8.92 19.69 -25.33
C MET D 81 7.89 20.08 -26.37
N ASP D 82 8.28 20.95 -27.29
CA ASP D 82 7.40 21.37 -28.37
C ASP D 82 7.07 20.18 -29.27
N HIS D 83 8.11 19.45 -29.69
CA HIS D 83 7.90 18.29 -30.54
C HIS D 83 7.15 17.17 -29.83
N LEU D 84 7.38 17.02 -28.53
CA LEU D 84 6.68 16.01 -27.75
C LEU D 84 5.19 16.35 -27.64
N SER D 85 4.90 17.63 -27.50
CA SER D 85 3.51 18.09 -27.41
C SER D 85 2.76 17.86 -28.73
N LEU D 86 3.47 18.08 -29.83
CA LEU D 86 2.88 17.89 -31.16
C LEU D 86 2.62 16.43 -31.46
N ASN D 87 3.40 15.55 -30.84
CA ASN D 87 3.28 14.13 -31.10
C ASN D 87 2.60 13.37 -29.96
N GLY D 88 1.87 14.10 -29.11
CA GLY D 88 1.01 13.50 -28.11
C GLY D 88 1.68 13.15 -26.79
N TYR D 89 2.69 13.92 -26.41
CA TYR D 89 3.38 13.67 -25.16
C TYR D 89 3.46 14.92 -24.29
N GLU D 90 2.99 14.80 -23.05
CA GLU D 90 3.12 15.86 -22.07
C GLU D 90 4.56 15.93 -21.58
N SER D 91 5.00 17.12 -21.18
CA SER D 91 6.33 17.32 -20.66
C SER D 91 6.30 18.09 -19.36
N PHE D 92 7.17 17.70 -18.42
CA PHE D 92 7.35 18.44 -17.19
C PHE D 92 8.84 18.57 -16.92
N THR D 93 9.29 19.81 -16.71
CA THR D 93 10.68 20.06 -16.39
C THR D 93 10.76 21.21 -15.39
N PHE D 94 11.85 21.25 -14.64
CA PHE D 94 12.06 22.32 -13.67
C PHE D 94 13.53 22.68 -13.62
N ASP D 95 13.81 23.96 -13.38
CA ASP D 95 15.17 24.37 -13.13
C ASP D 95 15.59 23.82 -11.78
N GLN D 96 16.59 22.95 -11.78
CA GLN D 96 17.03 22.28 -10.57
C GLN D 96 17.68 23.27 -9.61
N ARG D 97 17.83 22.86 -8.36
CA ARG D 97 18.51 23.68 -7.37
C ARG D 97 19.93 23.98 -7.83
N GLY D 98 20.27 25.27 -7.86
CA GLY D 98 21.59 25.69 -8.29
C GLY D 98 21.63 26.11 -9.74
N ALA D 99 20.53 25.90 -10.45
CA ALA D 99 20.45 26.22 -11.88
C ALA D 99 19.24 27.08 -12.21
N GLY D 100 19.23 27.61 -13.44
CA GLY D 100 18.10 28.35 -13.97
C GLY D 100 17.57 29.47 -13.10
N VAL D 101 16.24 29.65 -13.12
CA VAL D 101 15.60 30.72 -12.37
C VAL D 101 15.33 30.30 -10.92
N THR D 102 15.58 29.03 -10.63
CA THR D 102 15.37 28.50 -9.29
C THR D 102 16.39 29.08 -8.31
N SER D 103 17.64 29.15 -8.75
CA SER D 103 18.71 29.63 -7.88
C SER D 103 19.60 30.68 -8.55
N PRO D 104 19.11 31.91 -8.67
CA PRO D 104 19.92 32.99 -9.23
C PRO D 104 20.82 33.62 -8.19
N GLY D 105 21.81 34.38 -8.63
CA GLY D 105 22.70 35.09 -7.74
C GLY D 105 23.51 34.20 -6.83
N ARG D 106 23.32 34.37 -5.52
CA ARG D 106 24.15 33.69 -4.52
C ARG D 106 23.90 32.19 -4.47
N SER D 107 22.67 31.78 -4.73
CA SER D 107 22.31 30.37 -4.68
C SER D 107 22.78 29.59 -5.90
N LYS D 108 23.31 30.31 -6.89
CA LYS D 108 23.69 29.68 -8.15
C LYS D 108 24.83 28.67 -7.94
N GLY D 109 24.58 27.44 -8.36
CA GLY D 109 25.57 26.38 -8.28
C GLY D 109 25.57 25.64 -6.95
N VAL D 110 24.78 26.11 -5.99
CA VAL D 110 24.79 25.52 -4.66
C VAL D 110 23.78 24.38 -4.51
N THR D 111 24.29 23.16 -4.58
CA THR D 111 23.49 21.96 -4.39
C THR D 111 24.40 20.78 -4.09
N ASP D 112 23.83 19.62 -3.81
CA ASP D 112 24.62 18.42 -3.56
C ASP D 112 23.84 17.16 -3.89
N GLU D 113 24.46 16.01 -3.66
CA GLU D 113 23.86 14.71 -3.95
C GLU D 113 22.50 14.58 -3.26
N TYR D 114 22.44 15.01 -2.01
CA TYR D 114 21.20 14.95 -1.24
C TYR D 114 20.09 15.76 -1.91
N HIS D 115 20.36 17.02 -2.21
CA HIS D 115 19.34 17.91 -2.77
C HIS D 115 18.91 17.48 -4.16
N VAL D 116 19.86 17.01 -4.96
CA VAL D 116 19.58 16.63 -6.33
C VAL D 116 18.46 15.60 -6.41
N PHE D 117 18.54 14.57 -5.58
CA PHE D 117 17.55 13.50 -5.63
C PHE D 117 16.34 13.79 -4.74
N ASN D 118 16.54 14.48 -3.63
CA ASN D 118 15.42 14.85 -2.76
C ASN D 118 14.45 15.77 -3.48
N ASP D 119 15.00 16.71 -4.24
CA ASP D 119 14.18 17.61 -5.06
C ASP D 119 13.54 16.82 -6.19
N LEU D 120 14.29 15.88 -6.74
CA LEU D 120 13.80 15.06 -7.84
C LEU D 120 12.61 14.22 -7.41
N GLU D 121 12.72 13.57 -6.25
CA GLU D 121 11.65 12.75 -5.72
C GLU D 121 10.38 13.58 -5.54
N HIS D 122 10.55 14.83 -5.11
CA HIS D 122 9.42 15.73 -4.91
C HIS D 122 8.64 15.94 -6.21
N PHE D 123 9.35 16.20 -7.29
CA PHE D 123 8.71 16.43 -8.58
C PHE D 123 8.30 15.13 -9.25
N VAL D 124 8.96 14.03 -8.89
CA VAL D 124 8.56 12.72 -9.36
C VAL D 124 7.22 12.34 -8.74
N GLU D 125 7.11 12.52 -7.42
CA GLU D 125 5.88 12.24 -6.70
C GLU D 125 4.76 13.15 -7.18
N LYS D 126 5.09 14.39 -7.50
CA LYS D 126 4.11 15.35 -8.01
C LYS D 126 3.52 14.88 -9.33
N ASN D 127 4.41 14.50 -10.26
CA ASN D 127 3.98 14.02 -11.56
C ASN D 127 3.32 12.65 -11.48
N LEU D 128 3.81 11.83 -10.56
CA LEU D 128 3.25 10.49 -10.36
C LEU D 128 1.79 10.59 -9.92
N SER D 129 1.51 11.58 -9.07
CA SER D 129 0.15 11.83 -8.59
C SER D 129 -0.75 12.34 -9.72
N GLU D 130 -0.24 13.31 -10.48
CA GLU D 130 -1.01 13.91 -11.58
C GLU D 130 -1.21 12.93 -12.72
N CYS D 131 -0.28 12.00 -12.90
CA CYS D 131 -0.37 11.03 -13.98
C CYS D 131 -1.30 9.89 -13.60
N LYS D 132 -1.41 9.63 -12.31
CA LYS D 132 -2.26 8.55 -11.84
C LYS D 132 -3.73 8.99 -11.91
N ALA D 133 -3.99 10.28 -11.69
CA ALA D 133 -5.32 10.84 -11.85
C ALA D 133 -5.77 10.74 -13.30
N LYS D 134 -4.83 10.96 -14.21
CA LYS D 134 -5.11 10.87 -15.64
C LYS D 134 -4.95 9.44 -16.14
N GLY D 135 -4.39 8.57 -15.29
CA GLY D 135 -4.15 7.19 -15.65
C GLY D 135 -3.18 7.05 -16.82
N ILE D 136 -2.07 7.79 -16.77
CA ILE D 136 -1.08 7.71 -17.85
C ILE D 136 0.31 7.46 -17.33
N PRO D 137 1.13 6.87 -18.17
CA PRO D 137 2.50 6.51 -17.79
C PRO D 137 3.43 7.72 -17.68
N LEU D 138 4.42 7.63 -16.79
CA LEU D 138 5.40 8.69 -16.62
C LEU D 138 6.79 8.20 -17.02
N PHE D 139 7.41 8.89 -17.97
CA PHE D 139 8.75 8.54 -18.42
C PHE D 139 9.77 9.57 -17.91
N MET D 140 11.03 9.14 -17.81
CA MET D 140 12.08 10.04 -17.33
C MET D 140 13.17 10.20 -18.37
N TRP D 141 13.55 11.45 -18.61
CA TRP D 141 14.56 11.80 -19.61
C TRP D 141 15.58 12.74 -19.00
N GLY D 142 16.82 12.64 -19.44
CA GLY D 142 17.88 13.49 -18.93
C GLY D 142 19.03 13.63 -19.90
N HIS D 143 19.58 14.84 -19.99
CA HIS D 143 20.74 15.10 -20.83
C HIS D 143 22.00 15.41 -20.00
N SER D 144 23.11 14.82 -20.40
CA SER D 144 24.42 15.03 -19.76
C SER D 144 24.31 14.80 -18.25
N MET D 145 24.53 15.86 -17.47
CA MET D 145 24.35 15.79 -16.03
C MET D 145 23.00 15.20 -15.67
N GLY D 146 21.96 15.66 -16.37
CA GLY D 146 20.62 15.14 -16.18
C GLY D 146 20.53 13.68 -16.56
N GLY D 147 21.34 13.28 -17.54
CA GLY D 147 21.39 11.88 -17.96
C GLY D 147 21.96 10.99 -16.87
N GLY D 148 23.02 11.46 -16.23
CA GLY D 148 23.62 10.74 -15.12
C GLY D 148 22.65 10.62 -13.96
N ILE D 149 21.90 11.70 -13.72
CA ILE D 149 20.87 11.71 -12.68
C ILE D 149 19.75 10.73 -13.02
N CYS D 150 19.34 10.74 -14.29
CA CYS D 150 18.28 9.88 -14.77
C CYS D 150 18.63 8.39 -14.63
N LEU D 151 19.80 8.00 -15.12
CA LEU D 151 20.23 6.62 -15.05
C LEU D 151 20.46 6.16 -13.61
N ASN D 152 20.85 7.10 -12.75
CA ASN D 152 21.07 6.78 -11.34
C ASN D 152 19.75 6.63 -10.59
N TYR D 153 18.73 7.38 -11.00
CA TYR D 153 17.43 7.27 -10.37
C TYR D 153 16.82 5.90 -10.63
N ALA D 154 17.14 5.35 -11.79
CA ALA D 154 16.68 4.02 -12.17
C ALA D 154 17.27 2.95 -11.25
N CYS D 155 18.33 3.33 -10.53
CA CYS D 155 18.99 2.40 -9.61
C CYS D 155 18.65 2.70 -8.16
N GLN D 156 18.50 3.98 -7.82
CA GLN D 156 18.37 4.38 -6.42
C GLN D 156 17.05 5.07 -6.08
N GLY D 157 16.28 5.43 -7.10
CA GLY D 157 15.04 6.16 -6.89
C GLY D 157 14.04 5.40 -6.04
N LYS D 158 13.28 6.13 -5.22
CA LYS D 158 12.26 5.50 -4.37
C LYS D 158 11.13 4.95 -5.23
N HIS D 159 10.86 5.63 -6.35
CA HIS D 159 9.80 5.22 -7.25
C HIS D 159 10.38 4.76 -8.59
N LYS D 160 11.52 4.10 -8.54
CA LYS D 160 12.19 3.63 -9.74
C LYS D 160 11.40 2.53 -10.44
N ASN D 161 10.59 1.82 -9.66
CA ASN D 161 9.78 0.73 -10.22
C ASN D 161 8.44 1.24 -10.75
N GLU D 162 8.19 2.53 -10.56
CA GLU D 162 6.94 3.14 -10.99
C GLU D 162 7.13 3.93 -12.28
N ILE D 163 8.39 4.22 -12.62
CA ILE D 163 8.70 4.89 -13.87
C ILE D 163 8.56 3.91 -15.03
N SER D 164 7.88 4.34 -16.09
CA SER D 164 7.57 3.43 -17.20
C SER D 164 8.75 3.23 -18.15
N GLY D 165 9.70 4.16 -18.14
CA GLY D 165 10.85 4.06 -19.01
C GLY D 165 11.90 5.13 -18.76
N TYR D 166 13.14 4.83 -19.13
CA TYR D 166 14.25 5.75 -18.91
C TYR D 166 14.97 6.08 -20.22
N ILE D 167 15.16 7.37 -20.49
CA ILE D 167 15.86 7.81 -21.68
C ILE D 167 17.05 8.70 -21.33
N GLY D 168 18.22 8.35 -21.84
CA GLY D 168 19.43 9.12 -21.58
C GLY D 168 19.98 9.82 -22.80
N SER D 169 20.25 11.12 -22.67
CA SER D 169 20.83 11.92 -23.74
C SER D 169 22.28 12.26 -23.45
N GLY D 170 23.20 11.55 -24.09
CA GLY D 170 24.62 11.69 -23.83
C GLY D 170 24.93 11.83 -22.35
N PRO D 171 24.53 10.81 -21.56
CA PRO D 171 24.62 10.94 -20.10
C PRO D 171 26.05 11.15 -19.62
N LEU D 172 26.21 11.96 -18.57
CA LEU D 172 27.52 12.18 -17.98
C LEU D 172 27.92 10.98 -17.12
N ILE D 173 28.67 10.06 -17.71
CA ILE D 173 29.21 8.93 -16.98
C ILE D 173 30.72 9.09 -16.85
N ILE D 174 31.41 9.16 -17.98
CA ILE D 174 32.82 9.53 -17.98
C ILE D 174 33.07 10.63 -18.99
N LEU D 175 33.87 11.61 -18.61
CA LEU D 175 34.24 12.67 -19.51
C LEU D 175 35.13 12.13 -20.63
N HIS D 176 34.95 12.68 -21.82
CA HIS D 176 35.82 12.38 -22.95
C HIS D 176 37.21 12.91 -22.66
N PRO D 177 38.25 12.15 -23.02
CA PRO D 177 39.64 12.57 -22.77
C PRO D 177 39.95 13.96 -23.34
N HIS D 178 39.33 14.31 -24.45
CA HIS D 178 39.54 15.61 -25.08
C HIS D 178 39.18 16.75 -24.13
N THR D 179 38.08 16.57 -23.41
CA THR D 179 37.63 17.59 -22.46
C THR D 179 38.56 17.69 -21.26
N MET D 180 38.98 16.54 -20.73
CA MET D 180 39.86 16.52 -19.57
C MET D 180 41.24 17.08 -19.90
N TYR D 181 41.71 16.86 -21.12
CA TYR D 181 43.02 17.36 -21.54
C TYR D 181 43.00 18.85 -21.81
N ASN D 182 41.91 19.35 -22.38
CA ASN D 182 41.82 20.76 -22.72
C ASN D 182 41.37 21.63 -21.55
N LYS D 183 40.73 21.01 -20.57
CA LYS D 183 40.34 21.74 -19.36
C LYS D 183 40.79 21.01 -18.08
N PRO D 184 42.11 20.84 -17.91
CA PRO D 184 42.63 20.05 -16.79
C PRO D 184 42.47 20.73 -15.43
N THR D 185 42.22 22.03 -15.41
CA THR D 185 42.10 22.75 -14.14
C THR D 185 40.92 22.28 -13.28
N GLN D 186 39.83 21.95 -13.98
CA GLN D 186 38.56 21.62 -13.36
C GLN D 186 38.79 20.56 -12.31
N ILE D 187 39.92 19.86 -12.46
CA ILE D 187 40.26 18.84 -11.45
C ILE D 187 40.22 19.35 -10.00
N ILE D 188 40.40 20.64 -9.77
CA ILE D 188 40.47 21.13 -8.39
C ILE D 188 39.10 21.30 -7.76
N ALA D 189 38.05 21.27 -8.57
CA ALA D 189 36.72 21.21 -8.02
C ALA D 189 36.52 19.90 -7.23
N PRO D 190 36.78 18.73 -7.85
CA PRO D 190 36.70 17.52 -7.03
C PRO D 190 37.73 17.46 -5.90
N LEU D 191 38.90 17.99 -6.14
CA LEU D 191 39.93 18.03 -5.15
C LEU D 191 39.55 18.73 -3.89
N LEU D 192 38.94 19.88 -4.03
CA LEU D 192 38.69 20.79 -2.92
C LEU D 192 37.23 20.79 -2.48
N ALA D 193 36.45 19.83 -2.98
CA ALA D 193 35.02 19.79 -2.67
C ALA D 193 34.76 19.46 -1.21
N LYS D 194 35.47 18.47 -0.68
CA LYS D 194 35.36 18.08 0.71
C LYS D 194 35.62 19.26 1.65
N PHE D 195 36.64 20.06 1.31
CA PHE D 195 37.09 21.16 2.14
C PHE D 195 36.30 22.44 1.88
N SER D 196 36.16 22.79 0.61
CA SER D 196 35.51 24.04 0.23
C SER D 196 34.38 23.79 -0.77
N PRO D 197 33.26 23.23 -0.28
CA PRO D 197 32.16 22.81 -1.15
C PRO D 197 31.42 23.97 -1.83
N ARG D 198 31.43 25.14 -1.20
CA ARG D 198 30.62 26.26 -1.69
C ARG D 198 31.40 27.23 -2.58
N VAL D 199 32.66 26.91 -2.87
CA VAL D 199 33.45 27.73 -3.78
C VAL D 199 32.87 27.61 -5.19
N ARG D 200 32.60 28.75 -5.82
CA ARG D 200 32.03 28.74 -7.16
C ARG D 200 33.09 29.03 -8.20
N ILE D 201 32.97 28.36 -9.34
CA ILE D 201 33.98 28.43 -10.39
C ILE D 201 33.31 28.61 -11.75
N ASP D 202 34.01 29.28 -12.67
CA ASP D 202 33.54 29.43 -14.04
C ASP D 202 34.19 28.39 -14.92
N THR D 203 33.41 27.38 -15.31
CA THR D 203 33.93 26.22 -16.04
C THR D 203 34.16 26.50 -17.51
N GLY D 204 33.44 27.49 -18.05
CA GLY D 204 33.54 27.84 -19.45
C GLY D 204 32.78 26.87 -20.34
N LEU D 205 32.16 27.40 -21.39
CA LEU D 205 31.40 26.59 -22.33
C LEU D 205 32.25 26.11 -23.49
N ASP D 206 32.18 24.81 -23.78
CA ASP D 206 32.79 24.26 -24.98
C ASP D 206 31.79 24.36 -26.14
N LEU D 207 31.69 25.54 -26.74
CA LEU D 207 30.70 25.81 -27.76
C LEU D 207 30.82 24.89 -28.97
N LYS D 208 32.06 24.64 -29.41
CA LYS D 208 32.30 23.76 -30.55
C LYS D 208 31.98 22.31 -30.23
N GLY D 209 32.11 21.93 -28.97
CA GLY D 209 31.83 20.57 -28.55
C GLY D 209 30.37 20.31 -28.26
N ILE D 210 29.66 21.37 -27.85
CA ILE D 210 28.26 21.26 -27.50
C ILE D 210 27.38 21.01 -28.73
N THR D 211 27.63 21.74 -29.81
CA THR D 211 26.86 21.57 -31.02
C THR D 211 27.66 21.85 -32.28
N SER D 212 27.20 21.31 -33.40
CA SER D 212 27.85 21.53 -34.69
C SER D 212 27.22 22.72 -35.41
N ASP D 213 26.01 23.07 -35.00
CA ASP D 213 25.29 24.18 -35.64
C ASP D 213 25.74 25.54 -35.10
N LYS D 214 26.25 26.37 -36.00
CA LYS D 214 26.78 27.68 -35.61
C LYS D 214 25.68 28.64 -35.18
N ALA D 215 24.45 28.36 -35.58
CA ALA D 215 23.31 29.20 -35.20
C ALA D 215 23.03 29.09 -33.71
N TYR D 216 22.93 27.86 -33.21
CA TYR D 216 22.70 27.62 -31.80
C TYR D 216 23.94 27.99 -30.98
N ARG D 217 25.11 27.76 -31.56
CA ARG D 217 26.37 28.17 -30.93
C ARG D 217 26.34 29.66 -30.58
N ALA D 218 25.92 30.47 -31.56
CA ALA D 218 25.86 31.91 -31.38
C ALA D 218 24.86 32.30 -30.30
N PHE D 219 23.70 31.65 -30.35
CA PHE D 219 22.67 31.89 -29.35
C PHE D 219 23.16 31.55 -27.94
N LEU D 220 23.77 30.37 -27.82
CA LEU D 220 24.22 29.87 -26.53
C LEU D 220 25.31 30.76 -25.95
N GLY D 221 26.26 31.15 -26.78
CA GLY D 221 27.37 31.98 -26.32
C GLY D 221 26.96 33.39 -25.97
N SER D 222 25.78 33.80 -26.43
CA SER D 222 25.29 35.16 -26.19
C SER D 222 24.22 35.19 -25.12
N ASP D 223 23.64 34.03 -24.83
CA ASP D 223 22.56 33.93 -23.86
C ASP D 223 23.06 34.24 -22.46
N PRO D 224 22.51 35.31 -21.85
CA PRO D 224 22.86 35.71 -20.48
C PRO D 224 22.61 34.61 -19.47
N MET D 225 21.62 33.75 -19.74
CA MET D 225 21.26 32.67 -18.84
C MET D 225 22.17 31.46 -18.96
N SER D 226 23.02 31.45 -19.98
CA SER D 226 23.92 30.33 -20.20
C SER D 226 25.38 30.70 -19.93
N VAL D 227 25.73 31.95 -20.24
CA VAL D 227 27.09 32.44 -20.05
C VAL D 227 27.07 33.63 -19.11
N PRO D 228 28.02 33.69 -18.17
CA PRO D 228 28.97 32.62 -17.82
C PRO D 228 28.31 31.48 -17.07
N LEU D 229 28.97 30.33 -17.03
CA LEU D 229 28.43 29.14 -16.36
C LEU D 229 29.16 28.87 -15.06
N TYR D 230 28.46 29.07 -13.95
CA TYR D 230 29.05 28.89 -12.62
C TYR D 230 28.56 27.62 -11.96
N GLY D 231 29.47 26.93 -11.28
CA GLY D 231 29.13 25.76 -10.50
C GLY D 231 29.95 25.73 -9.22
N SER D 232 29.41 25.13 -8.17
CA SER D 232 30.17 25.00 -6.93
C SER D 232 30.96 23.71 -6.94
N PHE D 233 32.00 23.64 -6.11
CA PHE D 233 32.85 22.46 -6.05
C PHE D 233 32.04 21.23 -5.64
N ARG D 234 31.14 21.40 -4.66
CA ARG D 234 30.30 20.31 -4.19
C ARG D 234 29.37 19.81 -5.29
N GLN D 235 28.72 20.73 -5.98
CA GLN D 235 27.83 20.39 -7.08
C GLN D 235 28.57 19.64 -8.16
N ILE D 236 29.68 20.21 -8.61
CA ILE D 236 30.46 19.64 -9.69
C ILE D 236 30.99 18.27 -9.30
N HIS D 237 31.59 18.19 -8.12
CA HIS D 237 32.12 16.93 -7.60
C HIS D 237 31.06 15.84 -7.57
N ASP D 238 29.85 16.21 -7.16
CA ASP D 238 28.81 15.22 -6.94
C ASP D 238 28.25 14.61 -8.24
N PHE D 239 28.14 15.38 -9.32
CA PHE D 239 27.66 14.76 -10.54
C PHE D 239 28.82 14.11 -11.30
N MET D 240 30.04 14.49 -10.95
CA MET D 240 31.23 13.82 -11.47
C MET D 240 31.34 12.42 -10.89
N GLN D 241 31.21 12.31 -9.56
CA GLN D 241 31.27 11.03 -8.89
C GLN D 241 30.07 10.17 -9.23
N ARG D 242 28.93 10.84 -9.42
CA ARG D 242 27.68 10.18 -9.80
C ARG D 242 27.87 9.30 -11.03
N GLY D 243 28.47 9.86 -12.07
CA GLY D 243 28.69 9.13 -13.30
C GLY D 243 29.79 8.11 -13.16
N ALA D 244 30.84 8.49 -12.43
CA ALA D 244 31.98 7.60 -12.19
C ALA D 244 31.53 6.34 -11.48
N LYS D 245 30.53 6.46 -10.62
CA LYS D 245 29.98 5.32 -9.90
C LYS D 245 29.38 4.30 -10.86
N LEU D 246 28.65 4.78 -11.87
CA LEU D 246 28.05 3.87 -12.84
C LEU D 246 29.13 3.20 -13.67
N TYR D 247 30.15 3.96 -14.05
CA TYR D 247 31.23 3.44 -14.89
C TYR D 247 32.04 2.39 -14.17
N LYS D 248 32.27 2.60 -12.88
CA LYS D 248 33.03 1.65 -12.07
C LYS D 248 32.22 0.37 -11.88
N ASN D 249 30.94 0.54 -11.55
CA ASN D 249 30.03 -0.57 -11.35
C ASN D 249 30.57 -1.56 -10.33
N GLU D 250 30.90 -1.05 -9.15
CA GLU D 250 31.46 -1.88 -8.08
C GLU D 250 30.47 -2.94 -7.63
N ASN D 251 30.92 -4.20 -7.64
CA ASN D 251 30.09 -5.34 -7.27
C ASN D 251 28.80 -5.42 -8.06
N ASN D 252 28.89 -5.17 -9.37
CA ASN D 252 27.74 -5.15 -10.26
C ASN D 252 26.59 -4.31 -9.73
N TYR D 253 26.92 -3.07 -9.33
CA TYR D 253 25.96 -2.10 -8.81
C TYR D 253 24.74 -1.96 -9.72
N ILE D 254 24.96 -1.86 -11.02
CA ILE D 254 23.89 -1.64 -11.97
C ILE D 254 23.00 -2.87 -12.07
N GLN D 255 23.62 -4.04 -12.16
CA GLN D 255 22.87 -5.29 -12.25
C GLN D 255 21.98 -5.52 -11.03
N LYS D 256 22.43 -5.08 -9.86
CA LYS D 256 21.71 -5.31 -8.62
C LYS D 256 20.56 -4.35 -8.37
N ASN D 257 20.75 -3.09 -8.77
CA ASN D 257 19.85 -2.03 -8.34
C ASN D 257 18.97 -1.45 -9.45
N PHE D 258 19.29 -1.72 -10.71
CA PHE D 258 18.49 -1.20 -11.81
C PHE D 258 17.06 -1.72 -11.72
N ALA D 259 16.10 -0.82 -11.91
CA ALA D 259 14.67 -1.18 -11.83
C ALA D 259 14.37 -2.36 -12.75
N LYS D 260 13.74 -3.38 -12.18
CA LYS D 260 13.56 -4.67 -12.84
C LYS D 260 12.88 -4.58 -14.21
N ASP D 261 13.64 -4.91 -15.26
CA ASP D 261 13.13 -5.01 -16.62
C ASP D 261 12.41 -3.75 -17.10
N LYS D 262 12.80 -2.60 -16.57
CA LYS D 262 12.32 -1.33 -17.08
C LYS D 262 13.08 -0.97 -18.36
N PRO D 263 12.35 -0.58 -19.41
CA PRO D 263 13.00 -0.24 -20.68
C PRO D 263 13.89 0.98 -20.56
N VAL D 264 15.09 0.90 -21.13
CA VAL D 264 16.02 2.02 -21.13
C VAL D 264 16.64 2.19 -22.51
N ILE D 265 16.82 3.44 -22.94
CA ILE D 265 17.50 3.72 -24.19
C ILE D 265 18.38 4.96 -24.04
N ILE D 266 19.57 4.91 -24.64
CA ILE D 266 20.49 6.03 -24.61
C ILE D 266 20.78 6.53 -26.02
N MET D 267 20.61 7.83 -26.24
CA MET D 267 21.05 8.44 -27.49
C MET D 267 22.31 9.26 -27.22
N HIS D 268 23.31 9.08 -28.06
CA HIS D 268 24.61 9.71 -27.84
C HIS D 268 25.25 10.07 -29.16
N GLY D 269 25.66 11.33 -29.31
CA GLY D 269 26.34 11.76 -30.52
C GLY D 269 27.69 11.08 -30.66
N GLN D 270 27.96 10.57 -31.86
CA GLN D 270 29.21 9.87 -32.14
C GLN D 270 30.41 10.80 -32.00
N ASP D 271 30.23 12.06 -32.35
CA ASP D 271 31.32 13.04 -32.28
C ASP D 271 31.26 13.86 -30.99
N ASP D 272 30.55 13.34 -30.00
CA ASP D 272 30.51 13.96 -28.68
C ASP D 272 31.90 13.87 -28.05
N THR D 273 32.53 15.02 -27.85
CA THR D 273 33.87 15.06 -27.27
C THR D 273 33.81 15.66 -25.87
N ILE D 274 32.60 15.80 -25.35
CA ILE D 274 32.41 16.27 -23.98
C ILE D 274 32.17 15.08 -23.06
N ASN D 275 31.13 14.32 -23.33
CA ASN D 275 30.88 13.08 -22.61
C ASN D 275 31.18 11.87 -23.50
N ASP D 276 32.06 11.00 -23.03
CA ASP D 276 32.52 9.87 -23.82
C ASP D 276 31.38 8.88 -24.09
N PRO D 277 31.14 8.57 -25.38
CA PRO D 277 30.15 7.56 -25.75
C PRO D 277 30.45 6.19 -25.15
N LYS D 278 31.72 5.94 -24.85
CA LYS D 278 32.14 4.69 -24.24
C LYS D 278 31.45 4.45 -22.90
N GLY D 279 31.15 5.54 -22.20
CA GLY D 279 30.42 5.45 -20.95
C GLY D 279 29.03 4.89 -21.16
N SER D 280 28.35 5.39 -22.19
CA SER D 280 27.01 4.92 -22.53
C SER D 280 27.05 3.47 -23.00
N GLU D 281 28.09 3.15 -23.76
CA GLU D 281 28.28 1.80 -24.29
C GLU D 281 28.45 0.77 -23.17
N LYS D 282 29.21 1.14 -22.14
CA LYS D 282 29.44 0.24 -21.01
C LYS D 282 28.20 0.13 -20.13
N PHE D 283 27.44 1.21 -20.02
CA PHE D 283 26.25 1.22 -19.19
C PHE D 283 25.21 0.23 -19.72
N ILE D 284 24.96 0.28 -21.03
CA ILE D 284 24.02 -0.63 -21.67
C ILE D 284 24.47 -2.08 -21.50
N ARG D 285 25.77 -2.28 -21.64
CA ARG D 285 26.38 -3.60 -21.45
C ARG D 285 26.13 -4.12 -20.03
N ASP D 286 26.26 -3.25 -19.04
CA ASP D 286 26.07 -3.64 -17.64
C ASP D 286 24.60 -3.70 -17.25
N CYS D 287 23.75 -3.04 -18.03
CA CYS D 287 22.33 -2.96 -17.71
C CYS D 287 21.67 -4.34 -17.78
N PRO D 288 21.03 -4.76 -16.68
CA PRO D 288 20.43 -6.10 -16.58
C PRO D 288 19.10 -6.21 -17.30
N SER D 289 18.49 -5.05 -17.61
CA SER D 289 17.20 -5.03 -18.28
C SER D 289 17.27 -5.63 -19.68
N ALA D 290 16.20 -6.33 -20.06
CA ALA D 290 16.12 -6.94 -21.39
C ALA D 290 15.91 -5.89 -22.47
N ASP D 291 15.04 -4.92 -22.16
CA ASP D 291 14.74 -3.84 -23.10
C ASP D 291 15.76 -2.71 -22.96
N LYS D 292 16.88 -2.85 -23.67
CA LYS D 292 17.95 -1.86 -23.59
C LYS D 292 18.57 -1.61 -24.96
N GLU D 293 19.00 -0.38 -25.21
CA GLU D 293 19.60 -0.03 -26.49
C GLU D 293 20.44 1.24 -26.43
N LEU D 294 21.55 1.23 -27.14
CA LEU D 294 22.35 2.43 -27.32
C LEU D 294 22.33 2.84 -28.79
N LYS D 295 22.04 4.11 -29.05
CA LYS D 295 22.06 4.64 -30.41
C LYS D 295 23.12 5.71 -30.56
N LEU D 296 24.06 5.47 -31.46
CA LEU D 296 25.09 6.45 -31.79
C LEU D 296 24.73 7.17 -33.10
N TYR D 297 24.95 8.47 -33.13
CA TYR D 297 24.58 9.27 -34.30
C TYR D 297 25.78 9.94 -34.94
N PRO D 298 26.15 9.48 -36.15
CA PRO D 298 27.29 10.03 -36.90
C PRO D 298 27.12 11.51 -37.23
N GLY D 299 28.17 12.29 -37.04
CA GLY D 299 28.11 13.72 -37.32
C GLY D 299 27.51 14.55 -36.20
N ALA D 300 26.91 13.88 -35.23
CA ALA D 300 26.24 14.57 -34.13
C ALA D 300 27.17 14.77 -32.94
N ARG D 301 27.02 15.90 -32.25
CA ARG D 301 27.88 16.24 -31.11
C ARG D 301 27.10 16.10 -29.80
N HIS D 302 27.55 16.81 -28.76
CA HIS D 302 26.89 16.72 -27.46
C HIS D 302 25.40 16.92 -27.32
N SER D 303 24.94 18.15 -27.45
CA SER D 303 23.54 18.48 -27.18
C SER D 303 22.60 18.14 -28.33
N ILE D 304 22.37 16.84 -28.54
CA ILE D 304 21.60 16.36 -29.68
C ILE D 304 20.09 16.65 -29.59
N PHE D 305 19.61 16.90 -28.39
CA PHE D 305 18.17 17.09 -28.18
C PHE D 305 17.74 18.55 -28.10
N SER D 306 18.71 19.47 -28.15
CA SER D 306 18.39 20.85 -27.90
C SER D 306 19.08 21.83 -28.85
N LEU D 307 20.37 21.66 -29.06
CA LEU D 307 21.16 22.69 -29.72
C LEU D 307 21.80 22.25 -31.03
N GLU D 308 21.49 21.03 -31.48
CA GLU D 308 22.06 20.52 -32.71
C GLU D 308 21.23 20.90 -33.94
N THR D 309 21.73 20.54 -35.11
CA THR D 309 21.08 20.86 -36.38
C THR D 309 19.71 20.18 -36.49
N ASP D 310 18.88 20.69 -37.40
CA ASP D 310 17.55 20.13 -37.63
C ASP D 310 17.65 18.67 -38.07
N LYS D 311 18.64 18.37 -38.89
CA LYS D 311 18.88 16.99 -39.35
C LYS D 311 19.15 16.06 -38.17
N VAL D 312 20.05 16.48 -37.28
CA VAL D 312 20.39 15.68 -36.11
C VAL D 312 19.18 15.53 -35.19
N PHE D 313 18.55 16.66 -34.86
CA PHE D 313 17.41 16.65 -33.94
C PHE D 313 16.26 15.82 -34.46
N ASN D 314 15.96 15.92 -35.75
CA ASN D 314 14.88 15.14 -36.34
C ASN D 314 15.18 13.65 -36.25
N THR D 315 16.40 13.27 -36.62
CA THR D 315 16.81 11.87 -36.54
C THR D 315 16.72 11.37 -35.12
N VAL D 316 17.23 12.17 -34.19
CA VAL D 316 17.30 11.78 -32.78
C VAL D 316 15.93 11.73 -32.13
N PHE D 317 15.11 12.75 -32.36
CA PHE D 317 13.79 12.81 -31.74
C PHE D 317 12.86 11.73 -32.26
N ASN D 318 12.95 11.42 -33.55
CA ASN D 318 12.11 10.38 -34.15
C ASN D 318 12.35 9.05 -33.49
N ASP D 319 13.60 8.74 -33.19
CA ASP D 319 13.95 7.51 -32.48
C ASP D 319 13.33 7.48 -31.10
N MET D 320 13.33 8.63 -30.44
CA MET D 320 12.74 8.75 -29.12
C MET D 320 11.23 8.63 -29.22
N LYS D 321 10.66 9.30 -30.21
CA LYS D 321 9.21 9.32 -30.41
C LYS D 321 8.69 7.91 -30.72
N GLN D 322 9.38 7.22 -31.62
CA GLN D 322 9.00 5.84 -31.96
C GLN D 322 9.19 4.92 -30.76
N TRP D 323 10.24 5.15 -29.98
CA TRP D 323 10.52 4.36 -28.79
C TRP D 323 9.42 4.56 -27.74
N LEU D 324 8.95 5.79 -27.60
CA LEU D 324 7.88 6.10 -26.66
C LEU D 324 6.55 5.47 -27.09
N ASP D 325 6.27 5.53 -28.39
CA ASP D 325 5.08 4.90 -28.95
C ASP D 325 5.10 3.40 -28.70
N LYS D 326 6.28 2.81 -28.92
CA LYS D 326 6.47 1.37 -28.77
C LYS D 326 6.15 0.89 -27.35
N HIS D 327 6.28 1.78 -26.37
CA HIS D 327 6.07 1.39 -24.97
C HIS D 327 4.78 1.98 -24.37
N THR D 328 3.84 2.31 -25.25
CA THR D 328 2.51 2.77 -24.84
C THR D 328 1.44 2.28 -25.82
N THR D 329 1.84 1.36 -26.71
CA THR D 329 1.03 0.86 -27.85
C THR D 329 -0.41 1.36 -27.95
N NO3 E . -39.32 -3.92 -23.42
O1 NO3 E . -39.50 -5.09 -22.91
O2 NO3 E . -38.82 -3.82 -24.58
O3 NO3 E . -39.65 -2.90 -22.77
S SO4 F . 2.82 18.20 7.48
O1 SO4 F . 3.77 19.30 7.38
O2 SO4 F . 3.03 17.51 8.74
O3 SO4 F . 1.45 18.73 7.45
O4 SO4 F . 3.05 17.27 6.38
S SO4 G . 4.46 -19.71 23.32
O1 SO4 G . 4.28 -18.31 23.69
O2 SO4 G . 4.33 -20.52 24.52
O3 SO4 G . 3.41 -20.08 22.36
O4 SO4 G . 5.79 -19.91 22.76
NA NA H . 33.47 23.93 -36.50
#